data_5OQI
#
_entry.id   5OQI
#
_cell.length_a   67.130
_cell.length_b   90.190
_cell.length_c   89.450
_cell.angle_alpha   90.00
_cell.angle_beta   111.22
_cell.angle_gamma   90.00
#
_symmetry.space_group_name_H-M   'P 1 21 1'
#
loop_
_entity.id
_entity.type
_entity.pdbx_description
1 polymer 'Beta-2-microglobulin,H-2 class I histocompatibility antigen, K-B alpha chain'
2 water water
#
_entity_poly.entity_id   1
_entity_poly.type   'polypeptide(L)'
_entity_poly.pdbx_seq_one_letter_code
;SIINFEKLGCGASGGGGSGGGGSIQKTPQIQVYSRHPPENGKPNILNCYVTQFHPPHIEIQMLKNGKKIPKVEMSDMSFS
KDWSFYILAHTEFTPTETDTYACRVKHASMAEPKTVYWDRDMGGGGSGGGGSGGGGSGGGGSGPHSLRYFVTAVSRPGLG
EPRYMEVGYVDDTEFVRFDSDAENPRYEPRARWMEQEGPEYWERATQKAKGNEQSFRVDLRTLLGCYNQSKGGSHTIQVI
SGCEVGSDGRLLRGYQQYAYDGCDYIALNEDLKTWTAADMAALITKHKWEQAGEAERLRAYLEGTCVEWLRRYLKNGNAT
LLRTDSPKAHVTHHSRPEDKVTLRCWALGFYPADITLTWQLNGEELIQDMELVETRPAGDGTFQKWASVVVPLGKEQYYT
CHVYHQGLPEPLTLRWEPPPSTVSNHHHHHH
;
_entity_poly.pdbx_strand_id   A,B
#
# COMPACT_ATOMS: atom_id res chain seq x y z
N SER A 1 -3.86 -17.52 12.21
CA SER A 1 -2.80 -17.84 13.17
C SER A 1 -2.39 -19.30 13.06
N ILE A 2 -1.10 -19.52 12.76
CA ILE A 2 -0.61 -20.87 12.56
C ILE A 2 -0.55 -21.62 13.89
N ILE A 3 -0.56 -22.95 13.80
CA ILE A 3 -0.45 -23.79 14.98
C ILE A 3 1.02 -23.96 15.35
N ASN A 4 1.27 -24.31 16.61
CA ASN A 4 2.60 -24.66 17.08
C ASN A 4 2.85 -26.13 16.80
N PHE A 5 3.82 -26.41 15.91
CA PHE A 5 4.06 -27.78 15.48
C PHE A 5 4.80 -28.56 16.56
N GLU A 6 4.49 -29.85 16.65
CA GLU A 6 5.23 -30.77 17.49
C GLU A 6 6.29 -31.48 16.64
N LYS A 7 7.43 -31.76 17.25
CA LYS A 7 8.51 -32.43 16.53
C LYS A 7 8.05 -33.78 16.01
N LEU A 8 8.52 -34.15 14.82
CA LEU A 8 8.15 -35.44 14.25
C LEU A 8 8.76 -36.59 15.05
N GLY A 9 10.01 -36.42 15.51
CA GLY A 9 10.69 -37.43 16.29
C GLY A 9 10.70 -38.79 15.61
N CYS A 10 11.32 -38.88 14.43
CA CYS A 10 11.23 -40.10 13.63
C CYS A 10 12.01 -41.26 14.23
N GLY A 11 12.98 -40.99 15.10
CA GLY A 11 13.73 -42.05 15.74
C GLY A 11 15.16 -41.62 15.98
N ALA A 12 15.99 -42.60 16.33
CA ALA A 12 17.40 -42.39 16.64
C ALA A 12 18.26 -43.27 15.76
N SER A 13 19.50 -42.82 15.55
CA SER A 13 20.45 -43.51 14.68
C SER A 13 21.84 -42.91 14.79
N ILE A 24 14.36 -38.06 -4.24
CA ILE A 24 13.99 -38.16 -5.65
C ILE A 24 13.70 -36.77 -6.21
N GLN A 25 14.26 -36.48 -7.38
CA GLN A 25 14.17 -35.15 -7.97
C GLN A 25 13.09 -35.11 -9.04
N LYS A 26 12.53 -33.91 -9.24
CA LYS A 26 11.49 -33.67 -10.23
C LYS A 26 11.95 -32.58 -11.18
N THR A 27 11.79 -32.82 -12.48
CA THR A 27 12.29 -31.92 -13.51
C THR A 27 11.37 -30.71 -13.64
N PRO A 28 11.94 -29.50 -13.75
CA PRO A 28 11.10 -28.32 -13.94
C PRO A 28 10.41 -28.32 -15.29
N GLN A 29 9.26 -27.65 -15.35
CA GLN A 29 8.57 -27.35 -16.59
C GLN A 29 8.58 -25.84 -16.79
N ILE A 30 8.83 -25.41 -18.03
CA ILE A 30 9.17 -24.02 -18.30
C ILE A 30 8.21 -23.46 -19.35
N GLN A 31 7.69 -22.26 -19.09
CA GLN A 31 6.94 -21.48 -20.07
C GLN A 31 7.57 -20.10 -20.17
N VAL A 32 7.75 -19.62 -21.40
CA VAL A 32 8.30 -18.30 -21.66
C VAL A 32 7.27 -17.54 -22.50
N TYR A 33 6.77 -16.43 -21.95
CA TYR A 33 5.67 -15.71 -22.56
C TYR A 33 5.69 -14.28 -22.05
N SER A 34 5.09 -13.38 -22.83
CA SER A 34 4.96 -11.99 -22.44
C SER A 34 3.67 -11.79 -21.65
N ARG A 35 3.69 -10.80 -20.75
CA ARG A 35 2.50 -10.49 -19.97
C ARG A 35 1.36 -10.02 -20.87
N HIS A 36 1.67 -9.18 -21.84
CA HIS A 36 0.72 -8.68 -22.82
C HIS A 36 1.03 -9.24 -24.19
N PRO A 37 0.05 -9.24 -25.11
CA PRO A 37 0.34 -9.61 -26.49
C PRO A 37 1.49 -8.79 -27.04
N PRO A 38 2.52 -9.43 -27.58
CA PRO A 38 3.71 -8.69 -28.02
C PRO A 38 3.41 -7.78 -29.19
N GLU A 39 3.97 -6.56 -29.12
CA GLU A 39 3.86 -5.59 -30.20
C GLU A 39 5.20 -4.90 -30.33
N ASN A 40 5.80 -4.99 -31.52
CA ASN A 40 7.12 -4.42 -31.75
C ASN A 40 7.12 -2.93 -31.43
N GLY A 41 8.06 -2.51 -30.58
CA GLY A 41 8.17 -1.14 -30.16
C GLY A 41 7.42 -0.79 -28.89
N LYS A 42 6.49 -1.63 -28.46
CA LYS A 42 5.71 -1.35 -27.27
C LYS A 42 6.30 -2.08 -26.07
N PRO A 43 6.72 -1.38 -25.02
CA PRO A 43 7.27 -2.06 -23.83
C PRO A 43 6.31 -3.10 -23.28
N ASN A 44 6.88 -4.17 -22.74
CA ASN A 44 6.11 -5.30 -22.25
C ASN A 44 6.89 -5.94 -21.10
N ILE A 45 6.47 -7.13 -20.69
CA ILE A 45 7.14 -7.90 -19.65
C ILE A 45 7.30 -9.33 -20.15
N LEU A 46 8.52 -9.85 -20.07
CA LEU A 46 8.79 -11.23 -20.44
C LEU A 46 8.79 -12.09 -19.18
N ASN A 47 8.02 -13.17 -19.19
CA ASN A 47 7.87 -14.06 -18.05
C ASN A 47 8.59 -15.38 -18.30
N CYS A 48 9.19 -15.92 -17.25
CA CYS A 48 9.68 -17.29 -17.23
C CYS A 48 9.03 -18.01 -16.06
N TYR A 49 8.12 -18.91 -16.36
CA TYR A 49 7.30 -19.60 -15.37
C TYR A 49 7.83 -21.03 -15.23
N VAL A 50 8.37 -21.35 -14.06
CA VAL A 50 9.01 -22.63 -13.82
C VAL A 50 8.23 -23.36 -12.73
N THR A 51 7.84 -24.61 -13.02
CA THR A 51 6.95 -25.36 -12.14
C THR A 51 7.43 -26.80 -12.02
N GLN A 52 6.86 -27.50 -11.03
CA GLN A 52 6.96 -28.95 -10.89
C GLN A 52 8.38 -29.43 -10.61
N PHE A 53 9.22 -28.60 -9.99
CA PHE A 53 10.59 -29.00 -9.71
C PHE A 53 10.79 -29.22 -8.21
N HIS A 54 11.79 -30.05 -7.90
CA HIS A 54 12.21 -30.42 -6.56
C HIS A 54 13.57 -31.10 -6.68
N PRO A 55 14.59 -30.71 -5.88
CA PRO A 55 14.65 -29.76 -4.76
C PRO A 55 14.36 -28.31 -5.15
N PRO A 56 14.10 -27.45 -4.15
CA PRO A 56 13.70 -26.07 -4.45
C PRO A 56 14.84 -25.19 -4.96
N HIS A 57 16.11 -25.53 -4.73
CA HIS A 57 17.19 -24.71 -5.23
C HIS A 57 17.19 -24.74 -6.76
N ILE A 58 17.07 -23.58 -7.39
CA ILE A 58 16.99 -23.46 -8.82
C ILE A 58 17.71 -22.19 -9.26
N GLU A 59 18.34 -22.24 -10.42
CA GLU A 59 19.07 -21.11 -10.99
C GLU A 59 18.42 -20.75 -12.33
N ILE A 60 17.89 -19.53 -12.42
CA ILE A 60 17.13 -19.09 -13.58
C ILE A 60 17.80 -17.86 -14.18
N GLN A 61 18.08 -17.91 -15.48
CA GLN A 61 18.60 -16.79 -16.22
C GLN A 61 17.70 -16.52 -17.42
N MET A 62 17.49 -15.24 -17.72
CA MET A 62 16.81 -14.80 -18.93
C MET A 62 17.85 -14.21 -19.87
N LEU A 63 17.82 -14.65 -21.13
CA LEU A 63 18.84 -14.28 -22.10
C LEU A 63 18.21 -13.58 -23.29
N LYS A 64 18.82 -12.50 -23.74
CA LYS A 64 18.43 -11.82 -24.97
C LYS A 64 19.59 -11.92 -25.95
N ASN A 65 19.33 -12.53 -27.11
CA ASN A 65 20.33 -12.73 -28.15
C ASN A 65 21.56 -13.45 -27.61
N GLY A 66 21.35 -14.39 -26.70
CA GLY A 66 22.40 -15.23 -26.16
C GLY A 66 23.01 -14.73 -24.86
N LYS A 67 23.00 -13.42 -24.62
CA LYS A 67 23.67 -12.86 -23.46
C LYS A 67 22.70 -12.69 -22.29
N LYS A 68 23.26 -12.72 -21.09
CA LYS A 68 22.44 -12.68 -19.88
C LYS A 68 21.81 -11.31 -19.69
N ILE A 69 20.50 -11.29 -19.44
CA ILE A 69 19.80 -10.05 -19.10
C ILE A 69 20.14 -9.71 -17.64
N PRO A 70 20.61 -8.49 -17.37
CA PRO A 70 21.17 -8.17 -16.05
C PRO A 70 20.17 -8.24 -14.91
N LYS A 71 19.08 -7.47 -14.99
CA LYS A 71 18.15 -7.29 -13.89
C LYS A 71 16.84 -8.02 -14.19
N VAL A 72 16.68 -9.21 -13.63
CA VAL A 72 15.43 -9.96 -13.68
C VAL A 72 14.89 -10.07 -12.26
N GLU A 73 13.58 -9.92 -12.13
CA GLU A 73 12.92 -10.08 -10.84
C GLU A 73 12.40 -11.50 -10.69
N MET A 74 12.29 -11.94 -9.45
CA MET A 74 11.80 -13.28 -9.15
C MET A 74 10.68 -13.19 -8.12
N SER A 75 9.62 -13.95 -8.37
CA SER A 75 8.62 -14.14 -7.33
C SER A 75 9.23 -14.94 -6.19
N ASP A 76 8.66 -14.79 -5.01
CA ASP A 76 9.04 -15.65 -3.89
C ASP A 76 8.57 -17.08 -4.18
N MET A 77 9.38 -18.06 -3.79
CA MET A 77 9.10 -19.44 -4.15
C MET A 77 7.99 -20.00 -3.30
N SER A 78 7.03 -20.65 -3.94
CA SER A 78 5.95 -21.36 -3.30
C SER A 78 5.97 -22.82 -3.76
N PHE A 79 5.07 -23.62 -3.20
CA PHE A 79 4.90 -24.99 -3.66
C PHE A 79 3.41 -25.33 -3.68
N SER A 80 3.06 -26.31 -4.51
CA SER A 80 1.68 -26.73 -4.67
C SER A 80 1.39 -27.97 -3.80
N LYS A 81 0.16 -28.47 -3.92
CA LYS A 81 -0.28 -29.58 -3.08
C LYS A 81 0.42 -30.89 -3.41
N ASP A 82 0.99 -31.02 -4.61
CA ASP A 82 1.81 -32.18 -4.94
C ASP A 82 3.24 -32.04 -4.44
N TRP A 83 3.52 -31.00 -3.66
CA TRP A 83 4.78 -30.68 -2.98
C TRP A 83 5.81 -30.03 -3.90
N SER A 84 5.61 -30.04 -5.21
CA SER A 84 6.58 -29.45 -6.12
C SER A 84 6.56 -27.92 -6.04
N PHE A 85 7.70 -27.32 -6.35
CA PHE A 85 7.89 -25.88 -6.22
C PHE A 85 7.66 -25.17 -7.54
N TYR A 86 7.37 -23.87 -7.45
CA TYR A 86 7.20 -23.04 -8.63
C TYR A 86 7.64 -21.61 -8.31
N ILE A 87 8.00 -20.89 -9.36
CA ILE A 87 8.53 -19.54 -9.22
C ILE A 87 8.38 -18.83 -10.56
N LEU A 88 8.12 -17.53 -10.51
CA LEU A 88 7.93 -16.71 -11.70
C LEU A 88 9.06 -15.70 -11.80
N ALA A 89 9.87 -15.82 -12.86
CA ALA A 89 10.89 -14.83 -13.18
C ALA A 89 10.38 -13.95 -14.32
N HIS A 90 10.59 -12.65 -14.19
CA HIS A 90 10.13 -11.71 -15.20
C HIS A 90 11.14 -10.59 -15.38
N THR A 91 11.08 -9.96 -16.55
CA THR A 91 11.96 -8.85 -16.88
C THR A 91 11.24 -7.94 -17.86
N GLU A 92 11.63 -6.67 -17.87
CA GLU A 92 11.05 -5.71 -18.79
C GLU A 92 11.78 -5.76 -20.12
N PHE A 93 11.01 -5.72 -21.21
CA PHE A 93 11.61 -5.80 -22.53
C PHE A 93 10.69 -5.15 -23.55
N THR A 94 11.29 -4.64 -24.62
CA THR A 94 10.55 -4.10 -25.75
C THR A 94 10.79 -4.99 -26.96
N PRO A 95 9.82 -5.83 -27.36
CA PRO A 95 10.09 -6.80 -28.42
C PRO A 95 10.29 -6.13 -29.77
N THR A 96 11.12 -6.76 -30.59
CA THR A 96 11.33 -6.39 -31.98
C THR A 96 11.07 -7.62 -32.85
N GLU A 97 11.23 -7.45 -34.16
CA GLU A 97 10.98 -8.56 -35.07
C GLU A 97 12.11 -9.58 -35.07
N THR A 98 13.34 -9.16 -34.79
CA THR A 98 14.50 -10.03 -34.89
C THR A 98 15.15 -10.38 -33.56
N ASP A 99 14.87 -9.63 -32.50
CA ASP A 99 15.50 -9.91 -31.21
C ASP A 99 15.02 -11.24 -30.66
N THR A 100 15.96 -12.06 -30.19
CA THR A 100 15.67 -13.38 -29.66
C THR A 100 15.76 -13.35 -28.14
N TYR A 101 14.74 -13.89 -27.48
CA TYR A 101 14.71 -13.98 -26.02
C TYR A 101 14.55 -15.44 -25.62
N ALA A 102 15.15 -15.79 -24.48
CA ALA A 102 15.07 -17.15 -23.98
C ALA A 102 15.19 -17.12 -22.46
N CYS A 103 14.90 -18.26 -21.85
CA CYS A 103 15.06 -18.46 -20.42
C CYS A 103 15.84 -19.75 -20.19
N ARG A 104 16.90 -19.67 -19.39
CA ARG A 104 17.75 -20.82 -19.11
C ARG A 104 17.60 -21.19 -17.64
N VAL A 105 17.31 -22.46 -17.38
CA VAL A 105 17.08 -22.97 -16.04
C VAL A 105 18.10 -24.06 -15.75
N LYS A 106 18.81 -23.92 -14.63
CA LYS A 106 19.75 -24.92 -14.17
C LYS A 106 19.18 -25.57 -12.91
N HIS A 107 18.96 -26.88 -12.96
CA HIS A 107 18.39 -27.62 -11.86
C HIS A 107 19.08 -28.98 -11.75
N ALA A 108 19.21 -29.45 -10.51
CA ALA A 108 19.95 -30.68 -10.25
C ALA A 108 19.33 -31.89 -10.94
N SER A 109 18.02 -31.86 -11.17
CA SER A 109 17.35 -32.96 -11.84
C SER A 109 17.78 -33.14 -13.29
N MET A 110 18.50 -32.17 -13.85
CA MET A 110 18.93 -32.20 -15.25
C MET A 110 20.45 -32.20 -15.32
N ALA A 111 20.99 -32.98 -16.26
CA ALA A 111 22.44 -33.00 -16.45
C ALA A 111 22.95 -31.70 -17.04
N GLU A 112 22.11 -31.00 -17.80
CA GLU A 112 22.49 -29.80 -18.52
C GLU A 112 21.42 -28.74 -18.36
N PRO A 113 21.80 -27.46 -18.27
CA PRO A 113 20.81 -26.39 -18.18
C PRO A 113 19.83 -26.43 -19.35
N LYS A 114 18.56 -26.24 -19.03
CA LYS A 114 17.49 -26.21 -20.04
C LYS A 114 17.30 -24.78 -20.53
N THR A 115 17.26 -24.61 -21.86
CA THR A 115 17.03 -23.32 -22.47
C THR A 115 15.73 -23.38 -23.27
N VAL A 116 14.81 -22.47 -22.99
CA VAL A 116 13.52 -22.39 -23.66
C VAL A 116 13.39 -21.00 -24.26
N TYR A 117 13.22 -20.95 -25.59
CA TYR A 117 13.18 -19.69 -26.29
C TYR A 117 11.76 -19.14 -26.36
N TRP A 118 11.65 -17.81 -26.34
CA TRP A 118 10.36 -17.16 -26.50
C TRP A 118 9.87 -17.32 -27.93
N ASP A 119 8.74 -18.01 -28.09
CA ASP A 119 8.10 -18.21 -29.39
C ASP A 119 6.75 -17.51 -29.34
N ARG A 120 6.61 -16.40 -30.10
CA ARG A 120 5.45 -15.54 -30.05
C ARG A 120 4.12 -16.29 -30.12
N ASP A 121 4.17 -17.57 -30.50
CA ASP A 121 3.01 -18.45 -30.50
C ASP A 121 2.93 -19.33 -29.26
N MET A 122 3.75 -19.06 -28.24
CA MET A 122 3.73 -19.83 -27.01
C MET A 122 2.55 -19.43 -26.13
N GLY A 143 -18.39 -19.58 -1.91
CA GLY A 143 -19.00 -20.26 -0.78
C GLY A 143 -18.02 -20.59 0.33
N PRO A 144 -17.23 -21.65 0.14
CA PRO A 144 -16.26 -22.04 1.16
C PRO A 144 -15.06 -21.12 1.17
N HIS A 145 -14.54 -20.86 2.37
CA HIS A 145 -13.31 -20.10 2.57
C HIS A 145 -12.29 -21.00 3.24
N SER A 146 -11.02 -20.57 3.20
CA SER A 146 -9.94 -21.40 3.70
C SER A 146 -8.82 -20.54 4.26
N LEU A 147 -8.27 -20.99 5.38
CA LEU A 147 -7.05 -20.43 5.97
C LEU A 147 -6.04 -21.55 6.03
N ARG A 148 -4.99 -21.46 5.21
CA ARG A 148 -3.99 -22.52 5.12
C ARG A 148 -2.59 -21.93 5.19
N TYR A 149 -1.68 -22.69 5.79
CA TYR A 149 -0.30 -22.28 5.96
C TYR A 149 0.61 -23.27 5.26
N PHE A 150 1.49 -22.75 4.40
CA PHE A 150 2.47 -23.54 3.69
C PHE A 150 3.83 -23.30 4.32
N VAL A 151 4.42 -24.36 4.89
CA VAL A 151 5.66 -24.27 5.64
C VAL A 151 6.76 -24.99 4.88
N THR A 152 7.95 -24.40 4.85
CA THR A 152 9.11 -25.01 4.22
C THR A 152 10.31 -24.85 5.13
N ALA A 153 11.05 -25.94 5.33
CA ALA A 153 12.33 -25.91 6.04
C ALA A 153 13.34 -26.65 5.17
N VAL A 154 14.35 -25.92 4.70
CA VAL A 154 15.36 -26.46 3.80
C VAL A 154 16.71 -26.34 4.47
N SER A 155 17.39 -27.46 4.67
CA SER A 155 18.74 -27.45 5.20
C SER A 155 19.75 -27.14 4.11
N ARG A 156 20.80 -26.42 4.48
CA ARG A 156 21.91 -26.11 3.58
C ARG A 156 23.21 -26.26 4.36
N PRO A 157 23.59 -27.51 4.66
CA PRO A 157 24.76 -27.73 5.53
C PRO A 157 26.02 -27.11 4.94
N GLY A 158 26.73 -26.36 5.77
CA GLY A 158 27.90 -25.60 5.35
C GLY A 158 27.56 -24.21 4.87
N LEU A 159 26.43 -24.06 4.17
CA LEU A 159 25.99 -22.75 3.71
C LEU A 159 25.33 -21.92 4.81
N GLY A 160 25.10 -22.49 5.98
CA GLY A 160 24.48 -21.79 7.08
C GLY A 160 23.36 -22.62 7.68
N GLU A 161 22.54 -21.95 8.50
CA GLU A 161 21.43 -22.61 9.17
C GLU A 161 20.32 -22.93 8.17
N PRO A 162 19.45 -23.89 8.50
CA PRO A 162 18.33 -24.20 7.60
C PRO A 162 17.43 -22.99 7.39
N ARG A 163 17.04 -22.78 6.12
CA ARG A 163 16.11 -21.70 5.79
C ARG A 163 14.69 -22.14 6.12
N TYR A 164 13.99 -21.34 6.92
CA TYR A 164 12.65 -21.64 7.37
C TYR A 164 11.67 -20.57 6.89
N MET A 165 10.52 -21.01 6.39
CA MET A 165 9.53 -20.10 5.84
C MET A 165 8.13 -20.54 6.22
N GLU A 166 7.31 -19.58 6.63
CA GLU A 166 5.89 -19.79 6.86
C GLU A 166 5.12 -18.81 5.99
N VAL A 167 4.18 -19.33 5.20
CA VAL A 167 3.37 -18.52 4.29
C VAL A 167 1.91 -18.83 4.55
N GLY A 168 1.11 -17.78 4.75
CA GLY A 168 -0.31 -17.92 5.05
C GLY A 168 -1.17 -17.46 3.88
N TYR A 169 -2.23 -18.21 3.62
CA TYR A 169 -3.15 -17.92 2.52
C TYR A 169 -4.57 -17.86 3.05
N VAL A 170 -5.27 -16.77 2.74
CA VAL A 170 -6.72 -16.69 2.91
C VAL A 170 -7.30 -16.84 1.50
N ASP A 171 -7.78 -18.04 1.19
CA ASP A 171 -8.39 -18.35 -0.10
C ASP A 171 -7.40 -18.10 -1.24
N ASP A 172 -6.31 -18.88 -1.24
CA ASP A 172 -5.28 -18.84 -2.26
C ASP A 172 -4.60 -17.47 -2.37
N THR A 173 -4.96 -16.54 -1.49
CA THR A 173 -4.38 -15.20 -1.47
C THR A 173 -3.43 -15.10 -0.29
N GLU A 174 -2.14 -14.91 -0.59
CA GLU A 174 -1.13 -14.76 0.45
C GLU A 174 -1.36 -13.48 1.23
N PHE A 175 -1.37 -13.58 2.56
CA PHE A 175 -1.62 -12.42 3.41
C PHE A 175 -0.59 -12.21 4.52
N VAL A 176 0.18 -13.24 4.90
CA VAL A 176 1.28 -13.08 5.84
C VAL A 176 2.44 -13.94 5.37
N ARG A 177 3.63 -13.63 5.89
CA ARG A 177 4.83 -14.37 5.52
C ARG A 177 5.89 -14.20 6.58
N PHE A 178 6.60 -15.28 6.88
CA PHE A 178 7.79 -15.26 7.73
C PHE A 178 8.93 -15.94 6.99
N ASP A 179 10.06 -15.25 6.88
CA ASP A 179 11.25 -15.80 6.26
C ASP A 179 12.40 -15.65 7.24
N SER A 180 12.96 -16.79 7.67
CA SER A 180 14.08 -16.77 8.60
C SER A 180 15.36 -16.23 7.96
N ASP A 181 15.37 -16.00 6.65
CA ASP A 181 16.57 -15.51 5.97
C ASP A 181 16.62 -13.99 5.97
N ALA A 182 16.64 -13.44 7.19
CA ALA A 182 16.77 -12.00 7.38
C ALA A 182 17.55 -11.77 8.67
N GLU A 183 18.04 -10.54 8.83
CA GLU A 183 18.79 -10.19 10.03
C GLU A 183 17.90 -10.29 11.27
N ASN A 184 16.70 -9.72 11.20
CA ASN A 184 15.74 -9.73 12.30
C ASN A 184 14.41 -10.21 11.74
N PRO A 185 14.27 -11.53 11.51
CA PRO A 185 13.09 -12.04 10.80
C PRO A 185 11.82 -11.82 11.61
N ARG A 186 10.79 -11.28 10.94
CA ARG A 186 9.52 -11.00 11.58
C ARG A 186 8.39 -11.37 10.63
N TYR A 187 7.22 -11.63 11.22
CA TYR A 187 6.02 -11.82 10.42
C TYR A 187 5.65 -10.51 9.74
N GLU A 188 5.37 -10.57 8.45
CA GLU A 188 5.12 -9.36 7.70
C GLU A 188 3.76 -9.44 7.01
N PRO A 189 3.01 -8.35 6.99
CA PRO A 189 1.77 -8.32 6.20
C PRO A 189 2.08 -8.38 4.71
N ARG A 190 1.36 -9.24 4.01
CA ARG A 190 1.49 -9.40 2.57
C ARG A 190 0.26 -8.91 1.82
N ALA A 191 -0.74 -8.39 2.52
CA ALA A 191 -1.88 -7.72 1.93
C ALA A 191 -2.16 -6.46 2.73
N ARG A 192 -2.55 -5.39 2.03
CA ARG A 192 -2.72 -4.11 2.71
C ARG A 192 -3.80 -4.19 3.79
N TRP A 193 -4.79 -5.06 3.63
CA TRP A 193 -5.85 -5.17 4.63
C TRP A 193 -5.39 -5.87 5.90
N MET A 194 -4.20 -6.50 5.89
CA MET A 194 -3.66 -7.07 7.12
C MET A 194 -2.95 -6.03 7.99
N GLU A 195 -2.73 -4.83 7.48
CA GLU A 195 -2.02 -3.79 8.22
C GLU A 195 -2.81 -3.28 9.42
N GLN A 196 -4.07 -3.68 9.58
CA GLN A 196 -4.87 -3.22 10.70
C GLN A 196 -4.51 -3.92 12.02
N GLU A 197 -3.90 -5.10 11.95
CA GLU A 197 -3.57 -5.84 13.17
C GLU A 197 -2.53 -5.07 13.98
N GLY A 198 -2.77 -4.98 15.28
CA GLY A 198 -1.92 -4.20 16.14
C GLY A 198 -0.56 -4.84 16.35
N PRO A 199 0.28 -4.19 17.15
CA PRO A 199 1.63 -4.71 17.39
C PRO A 199 1.64 -6.08 18.07
N GLU A 200 0.65 -6.37 18.93
CA GLU A 200 0.66 -7.62 19.66
C GLU A 200 0.48 -8.82 18.73
N TYR A 201 -0.24 -8.64 17.62
CA TYR A 201 -0.43 -9.74 16.68
C TYR A 201 0.89 -10.15 16.05
N TRP A 202 1.67 -9.18 15.56
CA TRP A 202 2.91 -9.49 14.87
C TRP A 202 4.00 -9.96 15.83
N GLU A 203 3.95 -9.51 17.08
CA GLU A 203 4.94 -9.94 18.05
C GLU A 203 4.82 -11.43 18.36
N ARG A 204 3.59 -11.89 18.63
CA ARG A 204 3.37 -13.29 18.98
C ARG A 204 3.47 -14.19 17.76
N ALA A 205 3.08 -13.72 16.57
CA ALA A 205 3.18 -14.55 15.38
C ALA A 205 4.64 -14.87 15.04
N THR A 206 5.50 -13.87 15.15
CA THR A 206 6.93 -14.08 14.90
C THR A 206 7.56 -15.00 15.95
N GLN A 207 7.18 -14.83 17.22
CA GLN A 207 7.71 -15.69 18.27
C GLN A 207 7.29 -17.13 18.05
N LYS A 208 6.05 -17.35 17.57
CA LYS A 208 5.62 -18.70 17.24
C LYS A 208 6.41 -19.25 16.06
N ALA A 209 6.71 -18.40 15.06
CA ALA A 209 7.47 -18.85 13.91
C ALA A 209 8.89 -19.25 14.32
N LYS A 210 9.53 -18.44 15.16
CA LYS A 210 10.87 -18.78 15.63
C LYS A 210 10.86 -20.07 16.44
N GLY A 211 9.81 -20.27 17.25
CA GLY A 211 9.67 -21.53 17.95
C GLY A 211 9.38 -22.69 17.02
N ASN A 212 8.52 -22.46 16.01
CA ASN A 212 8.28 -23.48 15.01
C ASN A 212 9.53 -23.80 14.22
N GLU A 213 10.33 -22.77 13.92
CA GLU A 213 11.58 -22.98 13.19
C GLU A 213 12.49 -23.96 13.93
N GLN A 214 12.51 -23.90 15.26
CA GLN A 214 13.38 -24.77 16.04
C GLN A 214 12.97 -26.23 15.91
N SER A 215 11.66 -26.50 15.88
CA SER A 215 11.19 -27.87 15.76
C SER A 215 11.63 -28.49 14.44
N PHE A 216 11.55 -27.73 13.34
CA PHE A 216 11.98 -28.26 12.06
C PHE A 216 13.50 -28.33 11.94
N ARG A 217 14.23 -27.51 12.70
CA ARG A 217 15.68 -27.67 12.78
C ARG A 217 16.04 -29.03 13.36
N VAL A 218 15.39 -29.41 14.47
CA VAL A 218 15.68 -30.69 15.11
C VAL A 218 15.21 -31.85 14.24
N ASP A 219 14.04 -31.71 13.61
CA ASP A 219 13.52 -32.80 12.80
C ASP A 219 14.40 -33.07 11.59
N LEU A 220 14.92 -32.02 10.96
CA LEU A 220 15.83 -32.19 9.83
C LEU A 220 17.02 -33.05 10.21
N ARG A 221 17.57 -32.81 11.41
CA ARG A 221 18.75 -33.53 11.85
C ARG A 221 18.45 -35.02 12.01
N THR A 222 17.38 -35.36 12.72
CA THR A 222 17.10 -36.76 13.00
C THR A 222 16.51 -37.50 11.82
N LEU A 223 15.85 -36.79 10.89
CA LEU A 223 15.33 -37.43 9.69
C LEU A 223 16.45 -38.00 8.82
N LEU A 224 17.67 -37.51 8.97
CA LEU A 224 18.79 -38.02 8.19
C LEU A 224 19.00 -39.52 8.44
N GLY A 225 19.20 -39.90 9.71
CA GLY A 225 19.43 -41.29 10.02
C GLY A 225 18.20 -42.16 9.84
N CYS A 226 17.02 -41.58 10.08
CA CYS A 226 15.78 -42.32 9.86
C CYS A 226 15.65 -42.78 8.41
N TYR A 227 16.21 -42.02 7.47
CA TYR A 227 16.18 -42.35 6.07
C TYR A 227 17.53 -42.82 5.54
N ASN A 228 18.50 -43.06 6.43
CA ASN A 228 19.82 -43.60 6.06
C ASN A 228 20.51 -42.72 5.02
N GLN A 229 20.40 -41.41 5.19
CA GLN A 229 20.96 -40.45 4.24
C GLN A 229 22.31 -39.93 4.74
N SER A 230 23.19 -39.61 3.79
CA SER A 230 24.46 -38.99 4.11
C SER A 230 24.22 -37.63 4.75
N LYS A 231 25.24 -37.12 5.45
CA LYS A 231 25.09 -35.97 6.32
C LYS A 231 25.29 -34.63 5.62
N GLY A 232 25.85 -34.62 4.41
CA GLY A 232 26.22 -33.37 3.76
C GLY A 232 25.26 -32.81 2.74
N GLY A 233 24.11 -33.44 2.52
CA GLY A 233 23.21 -32.99 1.48
C GLY A 233 22.11 -32.06 1.99
N SER A 234 21.39 -31.48 1.04
CA SER A 234 20.28 -30.59 1.33
C SER A 234 18.96 -31.37 1.30
N HIS A 235 18.10 -31.09 2.28
CA HIS A 235 16.83 -31.79 2.42
C HIS A 235 15.76 -30.80 2.86
N THR A 236 14.51 -31.15 2.57
CA THR A 236 13.38 -30.26 2.79
C THR A 236 12.30 -30.94 3.62
N ILE A 237 11.63 -30.14 4.45
CA ILE A 237 10.40 -30.53 5.12
C ILE A 237 9.32 -29.55 4.68
N GLN A 238 8.17 -30.08 4.26
CA GLN A 238 7.04 -29.27 3.84
C GLN A 238 5.81 -29.65 4.65
N VAL A 239 5.05 -28.64 5.05
CA VAL A 239 3.81 -28.83 5.78
C VAL A 239 2.72 -27.98 5.15
N ILE A 240 1.53 -28.55 5.04
CA ILE A 240 0.31 -27.80 4.71
C ILE A 240 -0.64 -27.96 5.87
N SER A 241 -0.98 -26.85 6.52
CA SER A 241 -1.81 -26.86 7.72
C SER A 241 -2.88 -25.79 7.59
N GLY A 242 -4.12 -26.15 7.88
CA GLY A 242 -5.20 -25.18 7.82
C GLY A 242 -6.56 -25.85 7.77
N CYS A 243 -7.57 -25.00 7.51
CA CYS A 243 -8.96 -25.39 7.61
C CYS A 243 -9.77 -24.77 6.49
N GLU A 244 -10.74 -25.53 5.99
CA GLU A 244 -11.71 -25.04 5.01
C GLU A 244 -13.09 -24.97 5.68
N VAL A 245 -13.72 -23.81 5.61
CA VAL A 245 -14.95 -23.54 6.34
C VAL A 245 -16.06 -23.21 5.33
N GLY A 246 -17.19 -23.90 5.48
CA GLY A 246 -18.34 -23.65 4.63
C GLY A 246 -19.03 -22.35 4.99
N SER A 247 -20.08 -22.05 4.22
CA SER A 247 -20.82 -20.81 4.42
C SER A 247 -21.53 -20.77 5.77
N ASP A 248 -21.87 -21.94 6.32
CA ASP A 248 -22.54 -22.02 7.61
C ASP A 248 -21.58 -21.89 8.79
N GLY A 249 -20.30 -21.63 8.55
CA GLY A 249 -19.33 -21.53 9.62
C GLY A 249 -18.83 -22.85 10.16
N ARG A 250 -19.19 -23.96 9.54
CA ARG A 250 -18.79 -25.29 9.99
C ARG A 250 -17.56 -25.75 9.23
N LEU A 251 -16.72 -26.54 9.91
CA LEU A 251 -15.51 -27.06 9.30
C LEU A 251 -15.86 -28.05 8.19
N LEU A 252 -15.37 -27.78 6.99
CA LEU A 252 -15.53 -28.70 5.87
C LEU A 252 -14.38 -29.70 5.79
N ARG A 253 -13.14 -29.22 5.94
CA ARG A 253 -11.97 -30.07 5.85
C ARG A 253 -10.82 -29.43 6.62
N GLY A 254 -10.07 -30.27 7.34
CA GLY A 254 -8.87 -29.84 8.04
C GLY A 254 -7.65 -30.44 7.36
N TYR A 255 -6.57 -29.67 7.31
CA TYR A 255 -5.35 -30.09 6.63
C TYR A 255 -4.20 -30.12 7.62
N GLN A 256 -3.46 -31.23 7.62
CA GLN A 256 -2.22 -31.34 8.39
C GLN A 256 -1.39 -32.44 7.73
N GLN A 257 -0.62 -32.04 6.71
CA GLN A 257 0.13 -32.96 5.88
C GLN A 257 1.60 -32.60 5.91
N TYR A 258 2.46 -33.61 6.08
CA TYR A 258 3.90 -33.44 6.11
C TYR A 258 4.53 -34.15 4.92
N ALA A 259 5.67 -33.63 4.48
CA ALA A 259 6.45 -34.24 3.42
C ALA A 259 7.93 -34.05 3.70
N TYR A 260 8.71 -35.09 3.41
CA TYR A 260 10.15 -35.04 3.54
C TYR A 260 10.75 -35.31 2.17
N ASP A 261 11.53 -34.34 1.66
CA ASP A 261 12.15 -34.44 0.35
C ASP A 261 11.12 -34.62 -0.76
N GLY A 262 10.00 -33.91 -0.64
CA GLY A 262 9.00 -33.88 -1.68
C GLY A 262 8.11 -35.10 -1.77
N CYS A 263 8.16 -36.00 -0.78
CA CYS A 263 7.33 -37.19 -0.78
C CYS A 263 6.52 -37.24 0.51
N ASP A 264 5.32 -37.81 0.40
CA ASP A 264 4.42 -37.88 1.55
C ASP A 264 5.11 -38.53 2.75
N TYR A 265 4.89 -37.96 3.92
CA TYR A 265 5.42 -38.51 5.17
C TYR A 265 4.28 -38.93 6.09
N ILE A 266 3.57 -37.98 6.69
CA ILE A 266 2.41 -38.27 7.53
C ILE A 266 1.35 -37.22 7.23
N ALA A 267 0.10 -37.57 7.56
CA ALA A 267 -1.02 -36.68 7.30
C ALA A 267 -2.19 -37.06 8.19
N LEU A 268 -2.87 -36.05 8.72
CA LEU A 268 -4.10 -36.29 9.46
C LEU A 268 -5.21 -36.68 8.50
N ASN A 269 -6.04 -37.64 8.92
CA ASN A 269 -7.09 -38.14 8.05
C ASN A 269 -8.32 -37.23 8.11
N GLU A 270 -9.25 -37.47 7.19
CA GLU A 270 -10.45 -36.64 7.09
C GLU A 270 -11.29 -36.71 8.36
N ASP A 271 -11.23 -37.85 9.07
CA ASP A 271 -11.93 -37.97 10.34
C ASP A 271 -11.33 -37.10 11.43
N LEU A 272 -10.14 -36.52 11.18
CA LEU A 272 -9.46 -35.67 12.15
C LEU A 272 -9.16 -36.41 13.45
N LYS A 273 -9.03 -37.74 13.36
CA LYS A 273 -8.79 -38.57 14.53
C LYS A 273 -7.63 -39.55 14.36
N THR A 274 -7.23 -39.89 13.14
CA THR A 274 -6.15 -40.85 12.91
C THR A 274 -5.23 -40.31 11.83
N TRP A 275 -4.06 -40.93 11.73
CA TRP A 275 -3.01 -40.50 10.81
C TRP A 275 -2.79 -41.56 9.73
N THR A 276 -2.41 -41.07 8.54
CA THR A 276 -1.94 -41.91 7.44
C THR A 276 -0.44 -41.68 7.29
N ALA A 277 0.37 -42.67 7.65
CA ALA A 277 1.81 -42.60 7.49
C ALA A 277 2.19 -43.22 6.14
N ALA A 278 3.06 -42.53 5.41
CA ALA A 278 3.32 -42.87 4.01
C ALA A 278 4.45 -43.87 3.81
N ASP A 279 5.30 -44.10 4.82
CA ASP A 279 6.31 -45.15 4.73
C ASP A 279 6.75 -45.53 6.14
N MET A 280 7.74 -46.42 6.20
CA MET A 280 8.12 -47.05 7.47
C MET A 280 8.63 -46.02 8.48
N ALA A 281 9.39 -45.03 8.02
CA ALA A 281 9.96 -44.05 8.94
C ALA A 281 8.88 -43.26 9.67
N ALA A 282 7.78 -42.96 8.97
CA ALA A 282 6.71 -42.17 9.56
C ALA A 282 5.89 -42.95 10.58
N LEU A 283 6.10 -44.26 10.70
CA LEU A 283 5.33 -45.04 11.67
C LEU A 283 5.74 -44.72 13.10
N ILE A 284 7.00 -44.36 13.33
CA ILE A 284 7.43 -43.96 14.66
C ILE A 284 6.76 -42.65 15.06
N THR A 285 6.63 -41.72 14.11
CA THR A 285 5.94 -40.46 14.38
C THR A 285 4.46 -40.71 14.70
N LYS A 286 3.82 -41.59 13.93
CA LYS A 286 2.40 -41.86 14.14
C LYS A 286 2.14 -42.47 15.51
N HIS A 287 2.93 -43.49 15.88
CA HIS A 287 2.78 -44.09 17.20
C HIS A 287 3.04 -43.07 18.30
N LYS A 288 4.07 -42.23 18.13
CA LYS A 288 4.37 -41.21 19.13
C LYS A 288 3.24 -40.21 19.27
N TRP A 289 2.62 -39.83 18.14
CA TRP A 289 1.57 -38.82 18.19
C TRP A 289 0.25 -39.40 18.70
N GLU A 290 0.05 -40.71 18.57
CA GLU A 290 -1.13 -41.33 19.16
C GLU A 290 -1.06 -41.30 20.69
N GLN A 291 0.09 -41.70 21.25
CA GLN A 291 0.26 -41.67 22.70
C GLN A 291 0.15 -40.25 23.23
N ALA A 292 0.60 -39.26 22.45
CA ALA A 292 0.59 -37.87 22.88
C ALA A 292 -0.75 -37.18 22.65
N GLY A 293 -1.71 -37.86 22.03
CA GLY A 293 -2.99 -37.23 21.74
C GLY A 293 -2.87 -36.05 20.79
N GLU A 294 -1.96 -36.13 19.82
CA GLU A 294 -1.73 -35.00 18.91
C GLU A 294 -2.90 -34.78 17.96
N ALA A 295 -3.58 -35.86 17.55
CA ALA A 295 -4.73 -35.71 16.67
C ALA A 295 -5.84 -34.90 17.32
N GLU A 296 -6.03 -35.04 18.63
CA GLU A 296 -7.03 -34.25 19.33
C GLU A 296 -6.61 -32.81 19.53
N ARG A 297 -5.32 -32.56 19.70
CA ARG A 297 -4.83 -31.18 19.78
C ARG A 297 -5.08 -30.44 18.47
N LEU A 298 -4.95 -31.13 17.34
CA LEU A 298 -5.17 -30.50 16.05
C LEU A 298 -6.65 -30.31 15.75
N ARG A 299 -7.48 -31.30 16.09
CA ARG A 299 -8.92 -31.16 15.93
C ARG A 299 -9.42 -29.93 16.68
N ALA A 300 -8.86 -29.67 17.86
CA ALA A 300 -9.23 -28.47 18.61
C ALA A 300 -8.73 -27.21 17.90
N TYR A 301 -7.55 -27.26 17.30
CA TYR A 301 -7.05 -26.12 16.55
C TYR A 301 -7.88 -25.88 15.30
N LEU A 302 -8.20 -26.94 14.56
CA LEU A 302 -8.88 -26.79 13.28
C LEU A 302 -10.34 -26.40 13.47
N GLU A 303 -11.07 -27.17 14.29
CA GLU A 303 -12.50 -26.87 14.50
C GLU A 303 -12.70 -25.55 15.22
N GLY A 304 -11.72 -25.13 16.01
CA GLY A 304 -11.84 -23.88 16.77
C GLY A 304 -10.94 -22.78 16.27
N THR A 305 -9.70 -22.75 16.78
CA THR A 305 -8.81 -21.62 16.56
C THR A 305 -8.69 -21.24 15.10
N CYS A 306 -8.51 -22.23 14.22
CA CYS A 306 -8.39 -21.95 12.79
C CYS A 306 -9.67 -21.32 12.24
N VAL A 307 -10.83 -21.78 12.70
CA VAL A 307 -12.10 -21.26 12.20
C VAL A 307 -12.27 -19.80 12.61
N GLU A 308 -11.97 -19.48 13.88
CA GLU A 308 -12.22 -18.14 14.38
C GLU A 308 -11.26 -17.13 13.77
N TRP A 309 -10.02 -17.53 13.50
CA TRP A 309 -9.06 -16.60 12.90
C TRP A 309 -9.40 -16.33 11.44
N LEU A 310 -9.84 -17.34 10.70
CA LEU A 310 -10.29 -17.13 9.33
C LEU A 310 -11.45 -16.14 9.29
N ARG A 311 -12.33 -16.19 10.28
CA ARG A 311 -13.40 -15.21 10.39
C ARG A 311 -12.84 -13.80 10.57
N ARG A 312 -11.86 -13.64 11.47
CA ARG A 312 -11.26 -12.33 11.69
C ARG A 312 -10.54 -11.84 10.44
N TYR A 313 -9.86 -12.74 9.73
CA TYR A 313 -9.16 -12.33 8.52
C TYR A 313 -10.12 -11.96 7.41
N LEU A 314 -11.20 -12.73 7.24
CA LEU A 314 -12.16 -12.46 6.16
C LEU A 314 -12.82 -11.11 6.33
N LYS A 315 -13.06 -10.68 7.57
CA LYS A 315 -13.68 -9.38 7.79
C LYS A 315 -12.77 -8.24 7.33
N ASN A 316 -11.48 -8.32 7.69
CA ASN A 316 -10.54 -7.27 7.31
C ASN A 316 -10.35 -7.20 5.80
N GLY A 317 -10.42 -8.33 5.11
CA GLY A 317 -10.17 -8.36 3.68
C GLY A 317 -11.41 -8.62 2.84
N ASN A 318 -12.59 -8.25 3.36
CA ASN A 318 -13.82 -8.48 2.62
C ASN A 318 -13.84 -7.71 1.30
N ALA A 319 -13.38 -6.46 1.31
CA ALA A 319 -13.49 -5.60 0.14
C ALA A 319 -12.59 -6.06 -1.01
N THR A 320 -11.62 -6.93 -0.75
CA THR A 320 -10.64 -7.30 -1.76
C THR A 320 -10.59 -8.79 -2.08
N LEU A 321 -10.98 -9.67 -1.14
CA LEU A 321 -10.73 -11.09 -1.32
C LEU A 321 -11.72 -11.76 -2.25
N LEU A 322 -12.95 -11.26 -2.34
CA LEU A 322 -14.01 -11.92 -3.10
C LEU A 322 -14.06 -11.48 -4.55
N ARG A 323 -12.98 -10.91 -5.07
CA ARG A 323 -12.99 -10.38 -6.43
C ARG A 323 -12.88 -11.51 -7.46
N THR A 324 -13.54 -11.31 -8.59
CA THR A 324 -13.44 -12.21 -9.73
C THR A 324 -13.24 -11.35 -10.97
N ASP A 325 -12.30 -11.78 -11.82
CA ASP A 325 -12.01 -11.07 -13.08
C ASP A 325 -12.39 -11.98 -14.23
N SER A 326 -13.34 -11.54 -15.04
CA SER A 326 -13.81 -12.34 -16.15
C SER A 326 -12.73 -12.40 -17.25
N PRO A 327 -12.57 -13.54 -17.90
CA PRO A 327 -11.60 -13.62 -18.99
C PRO A 327 -12.08 -12.86 -20.21
N LYS A 328 -11.15 -12.15 -20.85
CA LYS A 328 -11.37 -11.58 -22.17
C LYS A 328 -10.69 -12.49 -23.18
N ALA A 329 -11.41 -12.84 -24.25
CA ALA A 329 -10.96 -13.87 -25.17
C ALA A 329 -10.85 -13.34 -26.59
N HIS A 330 -9.98 -14.00 -27.37
CA HIS A 330 -9.81 -13.69 -28.78
C HIS A 330 -9.07 -14.85 -29.44
N VAL A 331 -9.22 -14.96 -30.75
CA VAL A 331 -8.65 -16.04 -31.54
C VAL A 331 -7.58 -15.46 -32.46
N THR A 332 -6.42 -16.11 -32.52
CA THR A 332 -5.39 -15.77 -33.48
C THR A 332 -5.24 -16.87 -34.51
N HIS A 333 -4.62 -16.52 -35.64
CA HIS A 333 -4.57 -17.35 -36.82
C HIS A 333 -3.11 -17.54 -37.23
N HIS A 334 -2.70 -18.79 -37.41
CA HIS A 334 -1.30 -19.09 -37.68
C HIS A 334 -1.19 -20.12 -38.80
N SER A 335 -0.22 -19.91 -39.69
CA SER A 335 -0.04 -20.78 -40.84
C SER A 335 0.70 -22.05 -40.45
N ARG A 336 0.45 -23.10 -41.21
CA ARG A 336 1.03 -24.43 -40.98
C ARG A 336 1.52 -25.01 -42.30
N PRO A 337 2.27 -26.11 -42.28
CA PRO A 337 2.63 -26.77 -43.54
C PRO A 337 1.39 -27.18 -44.34
N GLU A 338 1.49 -27.03 -45.65
CA GLU A 338 0.45 -27.46 -46.59
C GLU A 338 -0.83 -26.67 -46.35
N ASP A 339 -2.01 -27.30 -46.34
CA ASP A 339 -3.30 -26.60 -46.34
C ASP A 339 -3.94 -26.55 -44.96
N LYS A 340 -3.15 -26.45 -43.91
CA LYS A 340 -3.65 -26.41 -42.54
C LYS A 340 -3.26 -25.07 -41.91
N VAL A 341 -4.06 -24.65 -40.93
CA VAL A 341 -3.78 -23.47 -40.12
C VAL A 341 -4.04 -23.83 -38.68
N THR A 342 -3.55 -22.98 -37.77
CA THR A 342 -3.77 -23.14 -36.34
C THR A 342 -4.66 -22.01 -35.86
N LEU A 343 -5.77 -22.36 -35.21
CA LEU A 343 -6.62 -21.41 -34.51
C LEU A 343 -6.32 -21.52 -33.03
N ARG A 344 -5.80 -20.45 -32.43
CA ARG A 344 -5.45 -20.42 -31.03
C ARG A 344 -6.43 -19.51 -30.29
N CYS A 345 -7.12 -20.08 -29.31
CA CYS A 345 -8.11 -19.36 -28.53
C CYS A 345 -7.49 -18.90 -27.22
N TRP A 346 -7.36 -17.59 -27.05
CA TRP A 346 -6.72 -17.00 -25.88
C TRP A 346 -7.76 -16.61 -24.84
N ALA A 347 -7.37 -16.74 -23.57
CA ALA A 347 -8.12 -16.22 -22.44
C ALA A 347 -7.15 -15.44 -21.56
N LEU A 348 -7.43 -14.16 -21.36
CA LEU A 348 -6.49 -13.25 -20.71
C LEU A 348 -7.16 -12.52 -19.56
N GLY A 349 -6.34 -12.14 -18.58
CA GLY A 349 -6.76 -11.25 -17.51
C GLY A 349 -7.84 -11.78 -16.60
N PHE A 350 -7.89 -13.09 -16.36
CA PHE A 350 -8.93 -13.69 -15.54
C PHE A 350 -8.38 -14.12 -14.19
N TYR A 351 -9.24 -14.04 -13.17
CA TYR A 351 -8.98 -14.52 -11.82
C TYR A 351 -10.29 -15.06 -11.29
N PRO A 352 -10.30 -16.23 -10.64
CA PRO A 352 -9.12 -17.06 -10.33
C PRO A 352 -8.65 -17.91 -11.51
N ALA A 353 -7.66 -18.77 -11.24
CA ALA A 353 -6.95 -19.46 -12.32
C ALA A 353 -7.82 -20.52 -13.01
N ASP A 354 -8.76 -21.12 -12.28
CA ASP A 354 -9.56 -22.20 -12.85
C ASP A 354 -10.35 -21.72 -14.05
N ILE A 355 -10.26 -22.46 -15.15
CA ILE A 355 -10.87 -22.07 -16.42
C ILE A 355 -10.91 -23.29 -17.33
N THR A 356 -11.77 -23.25 -18.33
CA THR A 356 -11.89 -24.34 -19.30
C THR A 356 -12.02 -23.76 -20.71
N LEU A 357 -11.22 -24.27 -21.64
CA LEU A 357 -11.26 -23.86 -23.03
C LEU A 357 -11.56 -25.08 -23.90
N THR A 358 -12.54 -24.95 -24.79
CA THR A 358 -12.90 -26.02 -25.71
C THR A 358 -13.02 -25.47 -27.13
N TRP A 359 -12.68 -26.31 -28.09
CA TRP A 359 -12.90 -26.04 -29.50
C TRP A 359 -14.01 -26.96 -30.00
N GLN A 360 -14.89 -26.43 -30.83
CA GLN A 360 -16.04 -27.18 -31.30
C GLN A 360 -16.16 -27.10 -32.81
N LEU A 361 -16.55 -28.23 -33.42
CA LEU A 361 -16.87 -28.31 -34.83
C LEU A 361 -18.20 -29.05 -34.95
N ASN A 362 -19.19 -28.39 -35.54
CA ASN A 362 -20.53 -28.96 -35.71
C ASN A 362 -21.13 -29.36 -34.36
N GLY A 363 -21.09 -28.42 -33.42
CA GLY A 363 -21.70 -28.60 -32.11
C GLY A 363 -21.06 -29.64 -31.23
N GLU A 364 -19.99 -30.29 -31.66
CA GLU A 364 -19.30 -31.31 -30.87
C GLU A 364 -17.92 -30.83 -30.48
N GLU A 365 -17.43 -31.31 -29.35
CA GLU A 365 -16.16 -30.86 -28.79
C GLU A 365 -15.01 -31.67 -29.36
N LEU A 366 -13.94 -30.97 -29.73
CA LEU A 366 -12.78 -31.58 -30.37
C LEU A 366 -11.77 -32.04 -29.33
N ILE A 367 -10.98 -33.06 -29.69
CA ILE A 367 -10.08 -33.71 -28.75
C ILE A 367 -8.70 -33.93 -29.37
N GLN A 368 -8.67 -34.53 -30.56
CA GLN A 368 -7.46 -35.20 -31.03
C GLN A 368 -6.37 -34.20 -31.43
N ASP A 369 -6.72 -33.21 -32.26
CA ASP A 369 -5.74 -32.29 -32.83
C ASP A 369 -5.62 -30.99 -32.04
N MET A 370 -5.89 -31.02 -30.74
CA MET A 370 -5.99 -29.81 -29.94
C MET A 370 -4.88 -29.77 -28.89
N GLU A 371 -4.15 -28.65 -28.86
CA GLU A 371 -3.06 -28.44 -27.93
C GLU A 371 -3.46 -27.41 -26.86
N LEU A 372 -2.88 -27.58 -25.67
CA LEU A 372 -3.11 -26.69 -24.54
C LEU A 372 -1.79 -26.15 -24.01
N VAL A 373 -1.90 -25.17 -23.12
CA VAL A 373 -0.84 -24.81 -22.19
C VAL A 373 -1.43 -24.87 -20.79
N GLU A 374 -0.59 -25.17 -19.82
CA GLU A 374 -1.02 -25.02 -18.43
C GLU A 374 -1.30 -23.56 -18.14
N THR A 375 -2.31 -23.32 -17.30
CA THR A 375 -2.64 -21.96 -16.90
C THR A 375 -1.43 -21.32 -16.22
N ARG A 376 -1.15 -20.08 -16.59
CA ARG A 376 0.07 -19.41 -16.18
C ARG A 376 -0.22 -18.00 -15.70
N PRO A 377 0.52 -17.50 -14.71
CA PRO A 377 0.30 -16.14 -14.23
C PRO A 377 0.82 -15.11 -15.23
N ALA A 378 0.09 -14.01 -15.34
CA ALA A 378 0.57 -12.89 -16.15
C ALA A 378 1.60 -12.06 -15.40
N GLY A 379 1.54 -12.06 -14.07
CA GLY A 379 2.42 -11.26 -13.24
C GLY A 379 1.74 -10.09 -12.57
N ASP A 380 0.49 -9.81 -12.90
CA ASP A 380 -0.26 -8.71 -12.31
C ASP A 380 -1.41 -9.18 -11.43
N GLY A 381 -1.46 -10.47 -11.09
CA GLY A 381 -2.55 -11.04 -10.34
C GLY A 381 -3.53 -11.85 -11.17
N THR A 382 -3.60 -11.61 -12.48
CA THR A 382 -4.48 -12.35 -13.37
C THR A 382 -3.71 -13.46 -14.08
N PHE A 383 -4.45 -14.34 -14.73
CA PHE A 383 -3.88 -15.52 -15.37
C PHE A 383 -4.18 -15.52 -16.86
N GLN A 384 -3.47 -16.39 -17.58
CA GLN A 384 -3.67 -16.59 -19.01
C GLN A 384 -3.76 -18.08 -19.31
N LYS A 385 -4.35 -18.38 -20.46
CA LYS A 385 -4.40 -19.73 -20.99
C LYS A 385 -4.80 -19.66 -22.44
N TRP A 386 -4.35 -20.63 -23.23
CA TRP A 386 -4.85 -20.76 -24.59
C TRP A 386 -4.98 -22.23 -24.96
N ALA A 387 -5.89 -22.50 -25.90
CA ALA A 387 -6.08 -23.80 -26.50
C ALA A 387 -6.12 -23.62 -28.00
N SER A 388 -5.39 -24.46 -28.73
CA SER A 388 -5.27 -24.35 -30.17
C SER A 388 -5.82 -25.60 -30.84
N VAL A 389 -6.11 -25.48 -32.13
CA VAL A 389 -6.61 -26.59 -32.93
C VAL A 389 -6.16 -26.39 -34.36
N VAL A 390 -5.89 -27.50 -35.04
CA VAL A 390 -5.44 -27.50 -36.43
C VAL A 390 -6.64 -27.79 -37.32
N VAL A 391 -6.96 -26.86 -38.21
CA VAL A 391 -8.14 -26.97 -39.06
C VAL A 391 -7.70 -26.80 -40.51
N PRO A 392 -8.51 -27.28 -41.46
CA PRO A 392 -8.18 -27.08 -42.88
C PRO A 392 -8.25 -25.62 -43.26
N LEU A 393 -7.36 -25.22 -44.17
CA LEU A 393 -7.35 -23.86 -44.68
C LEU A 393 -8.64 -23.56 -45.42
N GLY A 394 -9.25 -22.42 -45.08
CA GLY A 394 -10.53 -22.04 -45.66
C GLY A 394 -11.74 -22.51 -44.88
N LYS A 395 -11.55 -23.36 -43.87
CA LYS A 395 -12.63 -23.86 -43.04
C LYS A 395 -12.63 -23.25 -41.64
N GLU A 396 -12.03 -22.06 -41.49
CA GLU A 396 -11.86 -21.48 -40.15
C GLU A 396 -13.19 -21.10 -39.52
N GLN A 397 -14.18 -20.73 -40.32
CA GLN A 397 -15.47 -20.31 -39.80
C GLN A 397 -16.36 -21.47 -39.39
N TYR A 398 -15.86 -22.70 -39.45
CA TYR A 398 -16.57 -23.88 -38.99
C TYR A 398 -16.23 -24.25 -37.55
N TYR A 399 -15.39 -23.46 -36.89
CA TYR A 399 -14.86 -23.81 -35.57
C TYR A 399 -15.15 -22.69 -34.59
N THR A 400 -15.58 -23.08 -33.39
CA THR A 400 -15.97 -22.14 -32.36
C THR A 400 -15.26 -22.51 -31.06
N CYS A 401 -14.62 -21.51 -30.44
CA CYS A 401 -13.99 -21.72 -29.14
C CYS A 401 -14.94 -21.32 -28.03
N HIS A 402 -14.90 -22.06 -26.92
CA HIS A 402 -15.77 -21.84 -25.78
C HIS A 402 -14.92 -21.63 -24.54
N VAL A 403 -15.27 -20.60 -23.76
CA VAL A 403 -14.52 -20.21 -22.57
C VAL A 403 -15.46 -20.26 -21.38
N TYR A 404 -15.16 -21.15 -20.43
CA TYR A 404 -15.97 -21.36 -19.23
C TYR A 404 -15.21 -20.86 -18.01
N HIS A 405 -15.74 -19.84 -17.34
CA HIS A 405 -15.11 -19.27 -16.17
C HIS A 405 -16.19 -18.82 -15.19
N GLN A 406 -15.89 -18.96 -13.89
CA GLN A 406 -16.89 -18.68 -12.86
C GLN A 406 -17.34 -17.22 -12.89
N GLY A 407 -16.48 -16.32 -13.36
CA GLY A 407 -16.81 -14.92 -13.48
C GLY A 407 -17.63 -14.55 -14.68
N LEU A 408 -17.86 -15.50 -15.59
CA LEU A 408 -18.65 -15.23 -16.79
C LEU A 408 -20.11 -15.58 -16.52
N PRO A 409 -21.04 -14.64 -16.67
CA PRO A 409 -22.46 -15.00 -16.53
C PRO A 409 -22.88 -16.10 -17.49
N GLU A 410 -22.37 -16.08 -18.71
CA GLU A 410 -22.60 -17.12 -19.70
C GLU A 410 -21.30 -17.38 -20.43
N PRO A 411 -20.98 -18.64 -20.70
CA PRO A 411 -19.73 -18.97 -21.41
C PRO A 411 -19.56 -18.15 -22.69
N LEU A 412 -18.32 -17.74 -22.95
CA LEU A 412 -18.01 -17.03 -24.18
C LEU A 412 -17.93 -17.99 -25.34
N THR A 413 -18.48 -17.56 -26.48
CA THR A 413 -18.32 -18.26 -27.75
C THR A 413 -17.79 -17.27 -28.77
N LEU A 414 -16.81 -17.69 -29.56
CA LEU A 414 -16.16 -16.79 -30.50
C LEU A 414 -15.45 -17.61 -31.57
N ARG A 415 -15.16 -16.95 -32.69
CA ARG A 415 -14.53 -17.55 -33.84
C ARG A 415 -13.39 -16.67 -34.33
N TRP A 416 -12.58 -17.22 -35.22
CA TRP A 416 -11.55 -16.43 -35.88
C TRP A 416 -12.20 -15.36 -36.76
N GLU A 417 -11.76 -14.12 -36.61
CA GLU A 417 -12.32 -13.00 -37.34
C GLU A 417 -11.20 -12.18 -37.98
N PRO A 418 -11.03 -12.25 -39.30
CA PRO A 418 -10.03 -11.47 -40.03
C PRO A 418 -10.34 -9.98 -40.03
N SER B 1 -7.73 26.75 25.58
CA SER B 1 -6.65 26.36 26.49
C SER B 1 -6.20 24.93 26.21
N ILE B 2 -4.89 24.76 25.99
CA ILE B 2 -4.34 23.43 25.73
C ILE B 2 -4.26 22.64 27.02
N ILE B 3 -4.22 21.32 26.88
CA ILE B 3 -4.07 20.43 28.03
C ILE B 3 -2.60 20.39 28.45
N ASN B 4 -2.38 20.20 29.75
CA ASN B 4 -1.04 19.91 30.25
C ASN B 4 -0.73 18.45 29.96
N PHE B 5 0.24 18.21 29.09
CA PHE B 5 0.52 16.86 28.61
C PHE B 5 1.29 16.05 29.65
N GLU B 6 1.00 14.76 29.69
CA GLU B 6 1.75 13.83 30.51
C GLU B 6 2.84 13.17 29.67
N LYS B 7 3.98 12.91 30.29
CA LYS B 7 5.11 12.32 29.58
C LYS B 7 4.79 10.91 29.11
N LEU B 8 5.22 10.59 27.90
CA LEU B 8 5.21 9.21 27.45
C LEU B 8 6.32 8.43 28.14
N GLY B 9 5.98 7.30 28.73
CA GLY B 9 6.98 6.39 29.23
C GLY B 9 7.05 5.16 28.34
N CYS B 10 7.89 5.22 27.32
CA CYS B 10 7.91 4.17 26.31
C CYS B 10 8.77 2.99 26.75
N GLY B 11 8.49 1.83 26.13
CA GLY B 11 9.32 0.66 26.26
C GLY B 11 10.11 0.39 24.98
N ALA B 12 10.81 -0.74 24.98
CA ALA B 12 11.73 -1.05 23.90
C ALA B 12 10.98 -1.32 22.60
N SER B 13 11.46 -0.72 21.52
CA SER B 13 10.98 -1.00 20.15
C SER B 13 9.46 -0.86 20.01
N ILE B 24 9.65 6.06 8.00
CA ILE B 24 10.08 6.44 6.66
C ILE B 24 9.80 7.93 6.45
N GLN B 25 10.32 8.49 5.37
CA GLN B 25 10.19 9.91 5.07
C GLN B 25 9.26 10.12 3.88
N LYS B 26 8.51 11.22 3.92
CA LYS B 26 7.55 11.55 2.88
C LYS B 26 8.14 12.57 1.91
N THR B 27 7.91 12.36 0.63
CA THR B 27 8.47 13.23 -0.41
C THR B 27 7.57 14.44 -0.61
N PRO B 28 8.13 15.66 -0.68
CA PRO B 28 7.28 16.84 -0.83
C PRO B 28 6.69 16.94 -2.22
N GLN B 29 5.46 17.45 -2.28
CA GLN B 29 4.80 17.80 -3.51
C GLN B 29 4.77 19.32 -3.64
N ILE B 30 5.02 19.81 -4.86
CA ILE B 30 5.27 21.23 -5.10
C ILE B 30 4.28 21.77 -6.12
N GLN B 31 3.84 23.01 -5.91
CA GLN B 31 3.08 23.78 -6.88
C GLN B 31 3.70 25.16 -7.00
N VAL B 32 3.91 25.60 -8.24
CA VAL B 32 4.47 26.92 -8.53
C VAL B 32 3.44 27.70 -9.34
N TYR B 33 3.00 28.83 -8.80
CA TYR B 33 1.90 29.57 -9.40
C TYR B 33 1.91 31.00 -8.90
N SER B 34 1.31 31.89 -9.69
CA SER B 34 1.20 33.29 -9.32
C SER B 34 -0.07 33.52 -8.50
N ARG B 35 -0.04 34.56 -7.66
CA ARG B 35 -1.22 34.91 -6.88
C ARG B 35 -2.35 35.39 -7.77
N HIS B 36 -2.04 36.25 -8.73
CA HIS B 36 -2.99 36.78 -9.69
C HIS B 36 -2.68 36.24 -11.09
N PRO B 37 -3.64 36.27 -12.01
CA PRO B 37 -3.36 35.89 -13.39
C PRO B 37 -2.19 36.68 -13.94
N PRO B 38 -1.20 36.01 -14.53
CA PRO B 38 0.00 36.71 -14.97
C PRO B 38 -0.28 37.67 -16.12
N GLU B 39 0.14 38.91 -15.93
CA GLU B 39 0.12 39.93 -16.97
C GLU B 39 1.53 40.44 -17.16
N ASN B 40 2.04 40.35 -18.40
CA ASN B 40 3.40 40.81 -18.67
C ASN B 40 3.53 42.29 -18.34
N GLY B 41 4.46 42.60 -17.44
CA GLY B 41 4.70 43.97 -17.02
C GLY B 41 3.95 44.42 -15.79
N LYS B 42 3.05 43.60 -15.25
CA LYS B 42 2.27 43.96 -14.08
C LYS B 42 2.79 43.23 -12.86
N PRO B 43 3.09 43.94 -11.77
CA PRO B 43 3.61 43.27 -10.57
C PRO B 43 2.66 42.21 -10.04
N ASN B 44 3.24 41.12 -9.55
CA ASN B 44 2.47 39.98 -9.06
C ASN B 44 3.26 39.33 -7.94
N ILE B 45 2.79 38.17 -7.48
CA ILE B 45 3.47 37.38 -6.46
C ILE B 45 3.52 35.94 -6.94
N LEU B 46 4.72 35.36 -6.96
CA LEU B 46 4.90 33.96 -7.32
C LEU B 46 4.94 33.12 -6.05
N ASN B 47 4.18 32.03 -6.03
CA ASN B 47 4.06 31.17 -4.87
C ASN B 47 4.73 29.83 -5.13
N CYS B 48 5.38 29.29 -4.10
CA CYS B 48 5.84 27.91 -4.10
C CYS B 48 5.21 27.21 -2.91
N TYR B 49 4.21 26.38 -3.18
CA TYR B 49 3.43 25.70 -2.15
C TYR B 49 3.95 24.27 -2.04
N VAL B 50 4.49 23.92 -0.87
CA VAL B 50 5.14 22.63 -0.64
C VAL B 50 4.38 21.89 0.44
N THR B 51 3.99 20.65 0.15
CA THR B 51 3.12 19.88 1.03
C THR B 51 3.62 18.44 1.13
N GLN B 52 3.05 17.72 2.10
CA GLN B 52 3.19 16.26 2.21
C GLN B 52 4.62 15.81 2.48
N PHE B 53 5.43 16.63 3.13
CA PHE B 53 6.81 16.24 3.41
C PHE B 53 7.02 16.01 4.90
N HIS B 54 8.04 15.20 5.20
CA HIS B 54 8.42 14.81 6.55
C HIS B 54 9.81 14.15 6.46
N PRO B 55 10.78 14.54 7.31
CA PRO B 55 10.80 15.49 8.43
C PRO B 55 10.54 16.95 8.04
N PRO B 56 10.27 17.82 9.02
CA PRO B 56 9.88 19.19 8.69
C PRO B 56 11.02 20.05 8.16
N HIS B 57 12.28 19.72 8.42
CA HIS B 57 13.37 20.53 7.91
C HIS B 57 13.38 20.49 6.38
N ILE B 58 13.31 21.66 5.77
CA ILE B 58 13.21 21.77 4.32
C ILE B 58 13.89 23.06 3.88
N GLU B 59 14.53 23.01 2.72
CA GLU B 59 15.20 24.17 2.14
C GLU B 59 14.53 24.51 0.82
N ILE B 60 14.05 25.74 0.69
CA ILE B 60 13.29 26.18 -0.47
C ILE B 60 13.99 27.38 -1.08
N GLN B 61 14.23 27.30 -2.39
CA GLN B 61 14.77 28.41 -3.16
C GLN B 61 13.85 28.69 -4.35
N MET B 62 13.69 29.96 -4.66
CA MET B 62 13.01 30.39 -5.87
C MET B 62 14.03 31.06 -6.78
N LEU B 63 14.02 30.69 -8.06
CA LEU B 63 15.07 31.07 -9.00
C LEU B 63 14.45 31.79 -10.20
N LYS B 64 15.05 32.92 -10.57
CA LYS B 64 14.70 33.65 -11.78
C LYS B 64 15.81 33.44 -12.80
N ASN B 65 15.46 32.83 -13.94
CA ASN B 65 16.41 32.53 -15.00
C ASN B 65 17.59 31.72 -14.46
N GLY B 66 17.30 30.74 -13.61
CA GLY B 66 18.32 29.89 -13.03
C GLY B 66 19.09 30.49 -11.88
N LYS B 67 18.82 31.74 -11.51
CA LYS B 67 19.58 32.44 -10.48
C LYS B 67 18.72 32.63 -9.24
N LYS B 68 19.33 32.41 -8.08
CA LYS B 68 18.60 32.45 -6.82
C LYS B 68 18.05 33.84 -6.55
N ILE B 69 16.77 33.91 -6.20
CA ILE B 69 16.14 35.18 -5.88
C ILE B 69 16.43 35.53 -4.42
N PRO B 70 16.97 36.71 -4.14
CA PRO B 70 17.43 37.01 -2.78
C PRO B 70 16.30 36.98 -1.74
N LYS B 71 15.35 37.90 -1.86
CA LYS B 71 14.29 38.02 -0.87
C LYS B 71 13.24 36.96 -1.17
N VAL B 72 13.06 36.01 -0.25
CA VAL B 72 12.07 34.95 -0.37
C VAL B 72 11.42 34.79 1.00
N GLU B 73 10.18 35.23 1.14
CA GLU B 73 9.49 35.15 2.40
C GLU B 73 8.84 33.79 2.57
N MET B 74 8.59 33.42 3.82
CA MET B 74 8.17 32.07 4.18
C MET B 74 7.05 32.12 5.22
N SER B 75 5.96 31.39 4.97
CA SER B 75 4.93 31.24 5.98
C SER B 75 5.46 30.38 7.13
N ASP B 76 4.75 30.43 8.26
CA ASP B 76 5.05 29.53 9.35
C ASP B 76 4.69 28.09 8.95
N MET B 77 5.44 27.13 9.47
CA MET B 77 5.21 25.75 9.11
C MET B 77 4.08 25.16 9.96
N SER B 78 3.24 24.36 9.33
CA SER B 78 2.16 23.64 10.00
C SER B 78 2.19 22.19 9.51
N PHE B 79 1.29 21.37 10.03
CA PHE B 79 1.16 20.01 9.55
C PHE B 79 -0.31 19.62 9.53
N SER B 80 -0.62 18.62 8.70
CA SER B 80 -1.98 18.17 8.46
C SER B 80 -2.29 16.97 9.37
N LYS B 81 -3.52 16.47 9.26
CA LYS B 81 -3.94 15.36 10.10
C LYS B 81 -3.27 14.04 9.73
N ASP B 82 -2.58 13.97 8.58
CA ASP B 82 -1.78 12.81 8.24
C ASP B 82 -0.33 12.94 8.71
N TRP B 83 -0.04 13.96 9.54
CA TRP B 83 1.24 14.28 10.17
C TRP B 83 2.22 14.95 9.21
N SER B 84 1.89 15.11 7.93
CA SER B 84 2.81 15.71 7.00
C SER B 84 2.77 17.23 7.07
N PHE B 85 3.91 17.85 6.80
CA PHE B 85 4.06 19.30 6.93
C PHE B 85 3.78 20.00 5.60
N TYR B 86 3.49 21.29 5.69
CA TYR B 86 3.30 22.12 4.51
C TYR B 86 3.72 23.54 4.81
N ILE B 87 4.11 24.26 3.76
CA ILE B 87 4.66 25.61 3.89
C ILE B 87 4.50 26.31 2.57
N LEU B 88 4.33 27.64 2.62
CA LEU B 88 4.15 28.45 1.43
C LEU B 88 5.31 29.44 1.31
N ALA B 89 6.05 29.34 0.21
CA ALA B 89 7.08 30.30 -0.14
C ALA B 89 6.56 31.24 -1.22
N HIS B 90 6.91 32.51 -1.11
CA HIS B 90 6.42 33.48 -2.08
C HIS B 90 7.41 34.64 -2.20
N THR B 91 7.46 35.20 -3.41
CA THR B 91 8.29 36.36 -3.71
C THR B 91 7.55 37.27 -4.68
N GLU B 92 7.85 38.56 -4.60
CA GLU B 92 7.33 39.48 -5.60
C GLU B 92 8.08 39.32 -6.91
N PHE B 93 7.34 39.41 -8.01
CA PHE B 93 7.95 39.35 -9.33
C PHE B 93 7.02 40.01 -10.33
N THR B 94 7.61 40.53 -11.40
CA THR B 94 6.86 41.09 -12.52
C THR B 94 7.05 40.20 -13.72
N PRO B 95 6.06 39.38 -14.10
CA PRO B 95 6.28 38.39 -15.16
C PRO B 95 6.60 39.03 -16.50
N THR B 96 7.55 38.43 -17.20
CA THR B 96 7.91 38.79 -18.56
C THR B 96 7.63 37.60 -19.47
N GLU B 97 7.39 37.88 -20.75
CA GLU B 97 7.15 36.82 -21.72
C GLU B 97 8.31 35.83 -21.79
N THR B 98 9.54 36.30 -21.57
CA THR B 98 10.72 35.46 -21.75
C THR B 98 11.41 35.06 -20.46
N ASP B 99 11.03 35.64 -19.32
CA ASP B 99 11.69 35.32 -18.06
C ASP B 99 11.20 33.99 -17.51
N THR B 100 12.14 33.15 -17.08
CA THR B 100 11.84 31.82 -16.54
C THR B 100 11.95 31.85 -15.02
N TYR B 101 10.94 31.34 -14.34
CA TYR B 101 10.93 31.24 -12.89
C TYR B 101 10.76 29.78 -12.48
N ALA B 102 11.34 29.44 -11.33
CA ALA B 102 11.25 28.08 -10.81
C ALA B 102 11.33 28.11 -9.30
N CYS B 103 11.02 26.97 -8.69
CA CYS B 103 11.17 26.76 -7.26
C CYS B 103 11.96 25.48 -7.05
N ARG B 104 13.03 25.56 -6.28
CA ARG B 104 13.87 24.40 -5.99
C ARG B 104 13.76 24.04 -4.52
N VAL B 105 13.51 22.76 -4.25
CA VAL B 105 13.26 22.27 -2.90
C VAL B 105 14.26 21.17 -2.60
N LYS B 106 15.02 21.35 -1.51
CA LYS B 106 15.93 20.33 -1.01
C LYS B 106 15.30 19.68 0.23
N HIS B 107 15.22 18.36 0.22
CA HIS B 107 14.62 17.62 1.32
C HIS B 107 15.30 16.27 1.47
N ALA B 108 15.32 15.77 2.71
CA ALA B 108 16.04 14.53 3.00
C ALA B 108 15.42 13.34 2.28
N SER B 109 14.12 13.41 1.97
CA SER B 109 13.45 12.31 1.28
C SER B 109 13.91 12.15 -0.16
N MET B 110 14.64 13.12 -0.71
CA MET B 110 15.08 13.10 -2.10
C MET B 110 16.60 13.12 -2.15
N ALA B 111 17.16 12.42 -3.13
CA ALA B 111 18.62 12.33 -3.24
C ALA B 111 19.22 13.65 -3.74
N GLU B 112 18.49 14.39 -4.55
CA GLU B 112 18.95 15.65 -5.09
C GLU B 112 17.80 16.64 -5.07
N PRO B 113 18.08 17.94 -5.04
CA PRO B 113 17.00 18.93 -4.98
C PRO B 113 16.07 18.83 -6.18
N LYS B 114 14.79 19.08 -5.93
CA LYS B 114 13.76 19.03 -6.96
C LYS B 114 13.46 20.45 -7.41
N THR B 115 13.49 20.67 -8.72
CA THR B 115 13.19 21.97 -9.32
C THR B 115 11.90 21.86 -10.12
N VAL B 116 10.95 22.75 -9.83
CA VAL B 116 9.67 22.81 -10.53
C VAL B 116 9.54 24.20 -11.13
N TYR B 117 9.32 24.25 -12.44
CA TYR B 117 9.26 25.52 -13.15
C TYR B 117 7.83 26.04 -13.22
N TRP B 118 7.70 27.36 -13.15
CA TRP B 118 6.41 28.00 -13.31
C TRP B 118 5.93 27.86 -14.74
N ASP B 119 5.01 26.93 -14.96
CA ASP B 119 4.41 26.76 -16.28
C ASP B 119 3.21 27.68 -16.35
N ARG B 120 3.43 28.85 -16.95
CA ARG B 120 2.41 29.88 -17.08
C ARG B 120 1.09 29.29 -17.53
N ASP B 121 0.02 29.62 -16.78
CA ASP B 121 -1.33 29.12 -17.04
C ASP B 121 -1.40 27.60 -16.86
N MET B 122 -1.03 27.17 -15.65
CA MET B 122 -1.22 25.80 -15.16
C MET B 122 -0.66 25.66 -13.75
N GLY B 143 -22.62 23.30 11.09
CA GLY B 143 -22.99 22.76 12.39
C GLY B 143 -21.84 22.60 13.36
N PRO B 144 -21.00 21.58 13.12
CA PRO B 144 -19.94 21.27 14.09
C PRO B 144 -18.92 22.39 14.22
N HIS B 145 -18.42 22.56 15.44
CA HIS B 145 -17.32 23.47 15.73
C HIS B 145 -16.22 22.70 16.45
N SER B 146 -15.01 23.21 16.39
CA SER B 146 -13.86 22.44 16.86
C SER B 146 -12.79 23.37 17.43
N LEU B 147 -12.19 22.94 18.53
CA LEU B 147 -10.98 23.54 19.09
C LEU B 147 -9.93 22.46 19.14
N ARG B 148 -8.88 22.58 18.34
CA ARG B 148 -7.85 21.57 18.22
C ARG B 148 -6.47 22.21 18.32
N TYR B 149 -5.54 21.50 18.96
CA TYR B 149 -4.18 21.96 19.14
C TYR B 149 -3.22 21.02 18.42
N PHE B 150 -2.35 21.59 17.61
CA PHE B 150 -1.33 20.85 16.87
C PHE B 150 0.02 21.15 17.49
N VAL B 151 0.67 20.12 18.03
CA VAL B 151 1.92 20.27 18.78
C VAL B 151 3.05 19.63 17.99
N THR B 152 4.21 20.29 17.98
CA THR B 152 5.41 19.78 17.34
C THR B 152 6.60 19.93 18.26
N ALA B 153 7.36 18.86 18.43
CA ALA B 153 8.63 18.89 19.16
C ALA B 153 9.68 18.22 18.29
N VAL B 154 10.71 18.98 17.90
CA VAL B 154 11.75 18.50 17.01
C VAL B 154 13.10 18.64 17.71
N SER B 155 13.81 17.54 17.87
CA SER B 155 15.16 17.58 18.43
C SER B 155 16.13 18.07 17.38
N ARG B 156 17.08 18.89 17.82
CA ARG B 156 18.10 19.48 16.95
C ARG B 156 19.47 19.27 17.57
N PRO B 157 20.00 18.05 17.54
CA PRO B 157 21.32 17.81 18.13
C PRO B 157 22.41 18.49 17.32
N GLY B 158 23.33 19.15 18.02
CA GLY B 158 24.31 19.95 17.34
C GLY B 158 23.79 21.26 16.80
N LEU B 159 22.61 21.68 17.23
CA LEU B 159 22.02 22.95 16.80
C LEU B 159 21.42 23.75 17.95
N GLY B 160 21.23 23.16 19.13
CA GLY B 160 20.63 23.84 20.25
C GLY B 160 19.53 22.97 20.86
N GLU B 161 18.70 23.60 21.69
CA GLU B 161 17.62 22.89 22.34
C GLU B 161 16.54 22.49 21.32
N PRO B 162 15.72 21.50 21.65
CA PRO B 162 14.63 21.13 20.74
C PRO B 162 13.68 22.28 20.49
N ARG B 163 13.17 22.34 19.26
CA ARG B 163 12.19 23.36 18.89
C ARG B 163 10.79 22.85 19.23
N TYR B 164 10.09 23.57 20.08
CA TYR B 164 8.76 23.21 20.53
C TYR B 164 7.75 24.22 19.98
N MET B 165 6.59 23.72 19.55
CA MET B 165 5.60 24.59 18.92
C MET B 165 4.20 24.09 19.25
N GLU B 166 3.35 25.01 19.71
CA GLU B 166 1.93 24.76 19.92
C GLU B 166 1.15 25.69 19.00
N VAL B 167 0.20 25.14 18.24
CA VAL B 167 -0.63 25.92 17.34
C VAL B 167 -2.08 25.53 17.59
N GLY B 168 -2.91 26.50 17.94
CA GLY B 168 -4.31 26.28 18.21
C GLY B 168 -5.19 26.63 17.01
N TYR B 169 -6.24 25.85 16.84
CA TYR B 169 -7.19 26.02 15.73
C TYR B 169 -8.61 25.95 16.26
N VAL B 170 -9.42 26.95 15.89
CA VAL B 170 -10.87 26.92 16.08
C VAL B 170 -11.48 26.82 14.70
N ASP B 171 -12.19 25.72 14.43
CA ASP B 171 -12.79 25.47 13.12
C ASP B 171 -11.74 25.43 12.02
N ASP B 172 -10.60 24.81 12.32
CA ASP B 172 -9.50 24.62 11.38
C ASP B 172 -8.94 25.96 10.89
N THR B 173 -9.02 26.99 11.73
CA THR B 173 -8.37 28.27 11.47
C THR B 173 -7.49 28.62 12.66
N GLU B 174 -6.25 28.97 12.38
CA GLU B 174 -5.27 29.22 13.44
C GLU B 174 -5.60 30.49 14.19
N PHE B 175 -5.66 30.40 15.52
CA PHE B 175 -5.97 31.56 16.35
C PHE B 175 -4.92 31.86 17.42
N VAL B 176 -4.08 30.89 17.78
CA VAL B 176 -2.96 31.13 18.69
C VAL B 176 -1.78 30.30 18.23
N ARG B 177 -0.58 30.76 18.62
CA ARG B 177 0.64 30.04 18.27
C ARG B 177 1.73 30.33 19.31
N PHE B 178 2.45 29.29 19.71
CA PHE B 178 3.62 29.41 20.56
C PHE B 178 4.80 28.76 19.84
N ASP B 179 5.90 29.51 19.70
CA ASP B 179 7.13 28.99 19.11
C ASP B 179 8.25 29.19 20.10
N SER B 180 8.89 28.09 20.52
CA SER B 180 9.96 28.18 21.49
C SER B 180 11.25 28.73 20.90
N ASP B 181 11.38 28.75 19.58
CA ASP B 181 12.59 29.23 18.93
C ASP B 181 12.66 30.75 18.82
N ALA B 182 11.90 31.47 19.65
CA ALA B 182 12.05 32.91 19.76
C ALA B 182 12.99 33.21 20.92
N GLU B 183 13.18 34.50 21.23
CA GLU B 183 14.10 34.90 22.28
C GLU B 183 13.49 34.72 23.66
N ASN B 184 12.46 35.51 23.97
CA ASN B 184 11.61 35.32 25.14
C ASN B 184 10.26 34.85 24.64
N PRO B 185 10.06 33.55 24.42
CA PRO B 185 8.85 33.09 23.73
C PRO B 185 7.61 33.24 24.60
N ARG B 186 6.53 33.66 23.95
CA ARG B 186 5.23 33.80 24.60
C ARG B 186 4.14 33.40 23.61
N TYR B 187 2.95 33.15 24.15
CA TYR B 187 1.79 32.91 23.30
C TYR B 187 1.44 34.17 22.53
N GLU B 188 1.16 34.02 21.24
CA GLU B 188 0.81 35.15 20.41
C GLU B 188 -0.53 34.92 19.72
N PRO B 189 -1.37 35.94 19.65
CA PRO B 189 -2.61 35.81 18.89
C PRO B 189 -2.32 35.72 17.39
N ARG B 190 -3.05 34.83 16.72
CA ARG B 190 -3.00 34.69 15.27
C ARG B 190 -4.30 35.15 14.62
N ALA B 191 -5.19 35.76 15.39
CA ALA B 191 -6.43 36.32 14.90
C ALA B 191 -6.76 37.53 15.75
N ARG B 192 -7.27 38.58 15.10
CA ARG B 192 -7.47 39.84 15.81
C ARG B 192 -8.58 39.75 16.85
N TRP B 193 -9.50 38.79 16.73
CA TRP B 193 -10.52 38.61 17.76
C TRP B 193 -9.97 37.95 19.02
N MET B 194 -8.74 37.44 18.99
CA MET B 194 -8.12 36.90 20.19
C MET B 194 -7.52 37.99 21.07
N GLU B 195 -7.41 39.22 20.57
CA GLU B 195 -6.95 40.34 21.38
C GLU B 195 -7.97 40.76 22.44
N GLN B 196 -9.11 40.07 22.52
CA GLN B 196 -10.09 40.33 23.57
C GLN B 196 -9.68 39.75 24.92
N GLU B 197 -8.58 39.00 24.98
CA GLU B 197 -8.15 38.37 26.21
C GLU B 197 -7.15 39.26 26.94
N GLY B 198 -7.27 39.32 28.27
CA GLY B 198 -6.38 40.09 29.08
C GLY B 198 -5.02 39.45 29.20
N PRO B 199 -4.07 40.17 29.81
CA PRO B 199 -2.71 39.60 29.96
C PRO B 199 -2.65 38.37 30.84
N GLU B 200 -3.71 38.08 31.60
CA GLU B 200 -3.75 36.84 32.38
C GLU B 200 -3.74 35.62 31.47
N TYR B 201 -4.59 35.64 30.43
CA TYR B 201 -4.69 34.51 29.51
C TYR B 201 -3.34 34.22 28.86
N TRP B 202 -2.66 35.26 28.37
CA TRP B 202 -1.38 35.06 27.70
C TRP B 202 -0.29 34.63 28.68
N GLU B 203 -0.44 34.98 29.96
CA GLU B 203 0.51 34.52 30.96
C GLU B 203 0.33 33.03 31.24
N ARG B 204 -0.92 32.61 31.53
CA ARG B 204 -1.17 31.21 31.82
C ARG B 204 -0.87 30.34 30.60
N ALA B 205 -1.20 30.82 29.41
CA ALA B 205 -0.93 30.04 28.20
C ALA B 205 0.58 29.89 27.97
N THR B 206 1.35 30.94 28.23
CA THR B 206 2.79 30.87 28.02
C THR B 206 3.43 29.88 29.00
N GLN B 207 3.08 29.98 30.28
CA GLN B 207 3.67 29.08 31.27
C GLN B 207 3.25 27.64 31.02
N LYS B 208 2.01 27.42 30.58
CA LYS B 208 1.56 26.07 30.25
C LYS B 208 2.36 25.51 29.09
N ALA B 209 2.68 26.34 28.10
CA ALA B 209 3.46 25.87 26.96
C ALA B 209 4.89 25.55 27.37
N LYS B 210 5.48 26.38 28.23
CA LYS B 210 6.85 26.10 28.69
C LYS B 210 6.90 24.82 29.52
N GLY B 211 5.87 24.56 30.32
CA GLY B 211 5.80 23.30 31.02
C GLY B 211 5.58 22.13 30.09
N ASN B 212 4.73 22.32 29.07
CA ASN B 212 4.55 21.28 28.06
C ASN B 212 5.85 21.02 27.29
N GLU B 213 6.63 22.08 27.06
CA GLU B 213 7.88 21.93 26.32
C GLU B 213 8.83 20.99 27.05
N GLN B 214 8.88 21.06 28.38
CA GLN B 214 9.80 20.22 29.15
C GLN B 214 9.43 18.76 29.06
N SER B 215 8.13 18.45 29.04
CA SER B 215 7.70 17.05 28.96
C SER B 215 8.10 16.43 27.62
N PHE B 216 7.96 17.20 26.53
CA PHE B 216 8.37 16.69 25.22
C PHE B 216 9.89 16.68 25.07
N ARG B 217 10.58 17.56 25.79
CA ARG B 217 12.04 17.47 25.82
C ARG B 217 12.49 16.15 26.42
N VAL B 218 11.81 15.69 27.48
CA VAL B 218 12.16 14.42 28.10
C VAL B 218 11.67 13.27 27.24
N ASP B 219 10.47 13.39 26.67
CA ASP B 219 9.93 12.33 25.82
C ASP B 219 10.84 12.05 24.63
N LEU B 220 11.48 13.09 24.08
CA LEU B 220 12.37 12.89 22.95
C LEU B 220 13.54 12.01 23.32
N ARG B 221 14.19 12.30 24.46
CA ARG B 221 15.27 11.46 24.95
C ARG B 221 14.78 10.05 25.26
N THR B 222 13.59 9.94 25.88
CA THR B 222 13.04 8.64 26.24
C THR B 222 12.84 7.75 25.02
N LEU B 223 12.29 8.33 23.95
CA LEU B 223 12.02 7.56 22.75
C LEU B 223 13.30 7.16 22.03
N LEU B 224 14.38 7.93 22.21
CA LEU B 224 15.62 7.62 21.52
C LEU B 224 16.14 6.25 21.94
N GLY B 225 16.19 5.98 23.24
CA GLY B 225 16.61 4.67 23.69
C GLY B 225 15.57 3.59 23.42
N CYS B 226 14.30 3.96 23.37
CA CYS B 226 13.23 2.99 23.11
C CYS B 226 13.36 2.39 21.71
N TYR B 227 13.70 3.21 20.72
CA TYR B 227 13.83 2.77 19.34
C TYR B 227 15.28 2.46 18.95
N ASN B 228 16.21 2.52 19.91
CA ASN B 228 17.62 2.26 19.67
C ASN B 228 18.14 3.09 18.51
N GLN B 229 18.01 4.40 18.65
CA GLN B 229 18.42 5.35 17.63
C GLN B 229 19.63 6.14 18.10
N SER B 230 20.48 6.51 17.15
CA SER B 230 21.66 7.31 17.48
C SER B 230 21.26 8.71 17.90
N LYS B 231 21.99 9.25 18.88
CA LYS B 231 21.65 10.57 19.44
C LYS B 231 21.97 11.71 18.49
N GLY B 232 22.64 11.46 17.37
CA GLY B 232 22.96 12.52 16.44
C GLY B 232 21.79 12.95 15.57
N GLY B 233 20.89 12.01 15.25
CA GLY B 233 19.83 12.30 14.30
C GLY B 233 18.72 13.14 14.91
N SER B 234 17.93 13.73 14.01
CA SER B 234 16.79 14.54 14.41
C SER B 234 15.52 13.69 14.39
N HIS B 235 14.64 13.95 15.35
CA HIS B 235 13.39 13.21 15.48
C HIS B 235 12.28 14.17 15.90
N THR B 236 11.05 13.81 15.56
CA THR B 236 9.90 14.67 15.82
C THR B 236 8.84 13.92 16.62
N ILE B 237 8.16 14.67 17.49
CA ILE B 237 6.94 14.24 18.15
C ILE B 237 5.83 15.20 17.74
N GLN B 238 4.69 14.65 17.34
CA GLN B 238 3.54 15.45 16.99
C GLN B 238 2.32 14.97 17.76
N VAL B 239 1.49 15.92 18.20
CA VAL B 239 0.26 15.62 18.92
C VAL B 239 -0.87 16.44 18.33
N ILE B 240 -2.04 15.81 18.21
CA ILE B 240 -3.28 16.50 17.87
C ILE B 240 -4.23 16.31 19.04
N SER B 241 -4.66 17.42 19.65
CA SER B 241 -5.46 17.39 20.86
C SER B 241 -6.57 18.42 20.75
N GLY B 242 -7.80 17.98 20.96
CA GLY B 242 -8.91 18.91 20.93
C GLY B 242 -10.26 18.20 20.93
N CYS B 243 -11.30 19.00 20.74
CA CYS B 243 -12.68 18.55 20.88
C CYS B 243 -13.51 19.04 19.71
N GLU B 244 -14.41 18.19 19.23
CA GLU B 244 -15.39 18.57 18.22
C GLU B 244 -16.77 18.61 18.86
N VAL B 245 -17.46 19.74 18.69
CA VAL B 245 -18.74 19.98 19.35
C VAL B 245 -19.82 20.13 18.29
N GLY B 246 -21.06 19.88 18.70
CA GLY B 246 -22.20 20.07 17.83
C GLY B 246 -22.81 21.45 17.97
N SER B 247 -23.87 21.69 17.19
CA SER B 247 -24.59 22.96 17.28
C SER B 247 -25.32 23.13 18.59
N ASP B 248 -25.56 22.03 19.31
CA ASP B 248 -26.19 22.08 20.63
C ASP B 248 -25.20 22.31 21.76
N GLY B 249 -23.91 22.37 21.46
CA GLY B 249 -22.90 22.53 22.48
C GLY B 249 -22.47 21.24 23.15
N ARG B 250 -22.86 20.09 22.61
CA ARG B 250 -22.50 18.80 23.17
C ARG B 250 -21.33 18.19 22.40
N LEU B 251 -20.43 17.54 23.14
CA LEU B 251 -19.24 16.96 22.53
C LEU B 251 -19.62 15.90 21.50
N LEU B 252 -18.98 15.95 20.34
CA LEU B 252 -19.17 14.96 19.29
C LEU B 252 -17.98 14.03 19.14
N ARG B 253 -16.76 14.52 19.34
CA ARG B 253 -15.57 13.69 19.25
C ARG B 253 -14.45 14.37 20.04
N GLY B 254 -13.57 13.55 20.61
CA GLY B 254 -12.38 14.03 21.29
C GLY B 254 -11.14 13.45 20.64
N TYR B 255 -10.09 14.26 20.56
CA TYR B 255 -8.85 13.89 19.90
C TYR B 255 -7.69 13.91 20.88
N GLN B 256 -6.88 12.85 20.84
CA GLN B 256 -5.61 12.82 21.58
C GLN B 256 -4.72 11.80 20.86
N GLN B 257 -4.02 12.26 19.83
CA GLN B 257 -3.24 11.41 18.94
C GLN B 257 -1.78 11.83 18.96
N TYR B 258 -0.89 10.86 19.15
CA TYR B 258 0.55 11.10 19.15
C TYR B 258 1.19 10.45 17.93
N ALA B 259 2.27 11.05 17.45
CA ALA B 259 3.04 10.49 16.34
C ALA B 259 4.52 10.71 16.60
N TYR B 260 5.33 9.69 16.34
CA TYR B 260 6.77 9.76 16.44
C TYR B 260 7.37 9.58 15.05
N ASP B 261 8.13 10.59 14.59
CA ASP B 261 8.77 10.56 13.29
C ASP B 261 7.74 10.38 12.17
N GLY B 262 6.57 10.99 12.34
CA GLY B 262 5.56 10.99 11.30
C GLY B 262 4.70 9.75 11.22
N CYS B 263 4.83 8.82 12.16
CA CYS B 263 4.04 7.60 12.16
C CYS B 263 3.23 7.52 13.46
N ASP B 264 2.04 6.94 13.35
CA ASP B 264 1.16 6.81 14.50
C ASP B 264 1.89 6.16 15.67
N TYR B 265 1.67 6.70 16.86
CA TYR B 265 2.24 6.15 18.09
C TYR B 265 1.13 5.63 18.98
N ILE B 266 0.32 6.51 19.58
CA ILE B 266 -0.79 6.11 20.43
C ILE B 266 -1.92 7.10 20.24
N ALA B 267 -3.15 6.62 20.37
CA ALA B 267 -4.32 7.45 20.14
C ALA B 267 -5.45 7.03 21.06
N LEU B 268 -6.13 8.01 21.64
CA LEU B 268 -7.31 7.74 22.46
C LEU B 268 -8.48 7.37 21.56
N ASN B 269 -9.14 6.26 21.87
CA ASN B 269 -10.21 5.77 21.03
C ASN B 269 -11.46 6.65 21.17
N GLU B 270 -12.43 6.39 20.29
CA GLU B 270 -13.63 7.23 20.24
C GLU B 270 -14.44 7.16 21.53
N ASP B 271 -14.36 6.04 22.25
CA ASP B 271 -15.05 5.92 23.52
C ASP B 271 -14.43 6.75 24.62
N LEU B 272 -13.25 7.34 24.38
CA LEU B 272 -12.54 8.18 25.34
C LEU B 272 -12.20 7.43 26.62
N LYS B 273 -12.07 6.10 26.52
CA LYS B 273 -11.74 5.26 27.67
C LYS B 273 -10.55 4.33 27.44
N THR B 274 -10.26 3.93 26.20
CA THR B 274 -9.22 2.96 25.93
C THR B 274 -8.28 3.49 24.84
N TRP B 275 -7.08 2.92 24.79
CA TRP B 275 -6.00 3.40 23.94
C TRP B 275 -5.72 2.43 22.80
N THR B 276 -5.27 2.99 21.67
CA THR B 276 -4.80 2.22 20.54
C THR B 276 -3.31 2.51 20.34
N ALA B 277 -2.48 1.50 20.48
CA ALA B 277 -1.04 1.63 20.34
C ALA B 277 -0.61 1.10 18.99
N ALA B 278 0.35 1.79 18.35
CA ALA B 278 0.73 1.48 16.98
C ALA B 278 1.98 0.63 16.86
N ASP B 279 2.79 0.52 17.91
CA ASP B 279 3.91 -0.41 17.91
C ASP B 279 4.22 -0.82 19.35
N MET B 280 5.27 -1.63 19.51
CA MET B 280 5.57 -2.21 20.81
C MET B 280 5.93 -1.14 21.83
N ALA B 281 6.63 -0.09 21.40
CA ALA B 281 7.01 0.97 22.33
C ALA B 281 5.79 1.66 22.90
N ALA B 282 4.75 1.85 22.08
CA ALA B 282 3.52 2.48 22.53
C ALA B 282 2.70 1.60 23.47
N LEU B 283 3.03 0.31 23.55
CA LEU B 283 2.29 -0.57 24.45
C LEU B 283 2.60 -0.25 25.91
N ILE B 284 3.85 0.08 26.21
CA ILE B 284 4.23 0.41 27.58
C ILE B 284 3.63 1.75 27.99
N THR B 285 3.60 2.71 27.06
CA THR B 285 2.91 3.97 27.32
C THR B 285 1.42 3.73 27.58
N LYS B 286 0.80 2.86 26.79
CA LYS B 286 -0.62 2.55 26.98
C LYS B 286 -0.84 1.86 28.32
N HIS B 287 0.06 0.95 28.72
CA HIS B 287 -0.07 0.30 30.01
C HIS B 287 0.09 1.31 31.14
N LYS B 288 1.13 2.14 31.09
CA LYS B 288 1.35 3.15 32.12
C LYS B 288 0.19 4.13 32.21
N TRP B 289 -0.36 4.52 31.05
CA TRP B 289 -1.45 5.49 31.06
C TRP B 289 -2.75 4.88 31.57
N GLU B 290 -2.94 3.57 31.37
CA GLU B 290 -4.10 2.90 31.95
C GLU B 290 -3.99 2.85 33.47
N GLN B 291 -2.80 2.59 34.00
CA GLN B 291 -2.62 2.52 35.44
C GLN B 291 -2.87 3.87 36.10
N ALA B 292 -2.42 4.95 35.47
CA ALA B 292 -2.57 6.29 36.01
C ALA B 292 -3.90 6.94 35.66
N GLY B 293 -4.73 6.29 34.85
CA GLY B 293 -6.02 6.85 34.49
C GLY B 293 -5.94 8.05 33.57
N GLU B 294 -5.03 8.02 32.60
CA GLU B 294 -4.90 9.15 31.68
C GLU B 294 -6.14 9.31 30.81
N ALA B 295 -6.83 8.20 30.50
CA ALA B 295 -8.07 8.30 29.75
C ALA B 295 -9.12 9.08 30.53
N GLU B 296 -9.21 8.86 31.84
CA GLU B 296 -10.16 9.62 32.64
C GLU B 296 -9.79 11.10 32.68
N ARG B 297 -8.50 11.40 32.85
CA ARG B 297 -8.07 12.80 32.91
C ARG B 297 -8.37 13.52 31.59
N LEU B 298 -8.26 12.81 30.46
CA LEU B 298 -8.54 13.44 29.17
C LEU B 298 -10.03 13.57 28.93
N ARG B 299 -10.83 12.60 29.40
CA ARG B 299 -12.28 12.72 29.27
C ARG B 299 -12.80 13.95 30.01
N ALA B 300 -12.17 14.29 31.15
CA ALA B 300 -12.57 15.48 31.88
C ALA B 300 -12.23 16.74 31.10
N TYR B 301 -11.01 16.81 30.56
CA TYR B 301 -10.61 17.99 29.79
C TYR B 301 -11.45 18.13 28.53
N LEU B 302 -11.66 17.02 27.81
CA LEU B 302 -12.37 17.09 26.54
C LEU B 302 -13.83 17.51 26.73
N GLU B 303 -14.53 16.84 27.66
CA GLU B 303 -15.95 17.12 27.83
C GLU B 303 -16.19 18.45 28.54
N GLY B 304 -15.23 18.89 29.35
CA GLY B 304 -15.42 20.12 30.12
C GLY B 304 -14.56 21.27 29.65
N THR B 305 -13.27 21.24 30.03
CA THR B 305 -12.41 22.39 29.79
C THR B 305 -12.34 22.75 28.30
N CYS B 306 -12.16 21.74 27.44
CA CYS B 306 -12.06 22.01 26.01
C CYS B 306 -13.36 22.62 25.47
N VAL B 307 -14.50 22.04 25.83
CA VAL B 307 -15.79 22.53 25.33
C VAL B 307 -16.05 23.94 25.87
N GLU B 308 -15.77 24.17 27.15
CA GLU B 308 -15.99 25.50 27.72
C GLU B 308 -15.16 26.56 27.01
N TRP B 309 -13.91 26.25 26.70
CA TRP B 309 -13.06 27.22 26.01
C TRP B 309 -13.48 27.38 24.55
N LEU B 310 -13.96 26.31 23.92
CA LEU B 310 -14.44 26.43 22.54
C LEU B 310 -15.59 27.42 22.44
N ARG B 311 -16.53 27.37 23.38
CA ARG B 311 -17.63 28.32 23.38
C ARG B 311 -17.15 29.74 23.66
N ARG B 312 -16.11 29.89 24.49
CA ARG B 312 -15.59 31.23 24.77
C ARG B 312 -14.88 31.80 23.56
N TYR B 313 -14.06 30.99 22.88
CA TYR B 313 -13.40 31.46 21.66
C TYR B 313 -14.42 31.77 20.58
N LEU B 314 -15.45 30.93 20.45
CA LEU B 314 -16.48 31.17 19.46
C LEU B 314 -17.18 32.50 19.70
N LYS B 315 -17.43 32.85 20.97
CA LYS B 315 -18.12 34.10 21.26
C LYS B 315 -17.31 35.30 20.78
N ASN B 316 -15.99 35.27 20.98
CA ASN B 316 -15.16 36.42 20.61
C ASN B 316 -15.11 36.64 19.11
N GLY B 317 -15.19 35.59 18.30
CA GLY B 317 -14.98 35.75 16.88
C GLY B 317 -15.91 34.97 15.96
N ASN B 318 -17.06 34.52 16.46
CA ASN B 318 -18.00 33.78 15.64
C ASN B 318 -18.31 34.50 14.33
N ALA B 319 -18.33 35.83 14.38
CA ALA B 319 -18.54 36.61 13.15
C ALA B 319 -17.41 36.38 12.16
N THR B 320 -16.17 36.34 12.64
CA THR B 320 -15.03 36.14 11.75
C THR B 320 -15.03 34.74 11.15
N LEU B 321 -15.39 33.73 11.95
CA LEU B 321 -15.25 32.35 11.50
C LEU B 321 -16.26 31.98 10.43
N LEU B 322 -17.44 32.59 10.44
CA LEU B 322 -18.48 32.28 9.48
C LEU B 322 -18.38 33.10 8.20
N ARG B 323 -17.33 33.88 8.03
CA ARG B 323 -17.18 34.69 6.84
C ARG B 323 -16.90 33.82 5.62
N THR B 324 -17.35 34.29 4.46
CA THR B 324 -17.12 33.59 3.21
C THR B 324 -16.74 34.59 2.13
N ASP B 325 -15.89 34.14 1.22
CA ASP B 325 -15.58 34.86 0.00
C ASP B 325 -15.93 33.94 -1.17
N SER B 326 -16.83 34.40 -2.04
CA SER B 326 -17.27 33.53 -3.12
C SER B 326 -16.23 33.51 -4.24
N PRO B 327 -16.10 32.38 -4.93
CA PRO B 327 -15.15 32.31 -6.05
C PRO B 327 -15.64 33.09 -7.25
N LYS B 328 -14.69 33.66 -7.98
CA LYS B 328 -14.94 34.22 -9.30
C LYS B 328 -14.31 33.29 -10.33
N ALA B 329 -15.10 32.88 -11.32
CA ALA B 329 -14.70 31.82 -12.24
C ALA B 329 -14.51 32.35 -13.65
N HIS B 330 -13.63 31.68 -14.39
CA HIS B 330 -13.42 31.97 -15.80
C HIS B 330 -12.73 30.76 -16.45
N VAL B 331 -12.98 30.59 -17.74
CA VAL B 331 -12.42 29.49 -18.52
C VAL B 331 -11.36 30.04 -19.46
N THR B 332 -10.21 29.37 -19.52
CA THR B 332 -9.16 29.71 -20.46
C THR B 332 -9.01 28.61 -21.51
N HIS B 333 -8.38 28.97 -22.62
CA HIS B 333 -8.30 28.13 -23.81
C HIS B 333 -6.84 27.93 -24.17
N HIS B 334 -6.45 26.66 -24.38
CA HIS B 334 -5.08 26.31 -24.70
C HIS B 334 -5.08 25.22 -25.76
N SER B 335 -4.23 25.38 -26.77
CA SER B 335 -4.22 24.48 -27.92
C SER B 335 -3.34 23.26 -27.66
N ARG B 336 -3.86 22.09 -27.98
CA ARG B 336 -3.22 20.80 -27.77
C ARG B 336 -2.59 20.31 -29.06
N PRO B 337 -1.81 19.22 -29.00
CA PRO B 337 -1.35 18.60 -30.25
C PRO B 337 -2.53 18.16 -31.11
N GLU B 338 -2.39 18.34 -32.43
CA GLU B 338 -3.38 17.94 -33.40
C GLU B 338 -4.69 18.68 -33.24
N ASP B 339 -5.81 17.94 -33.16
CA ASP B 339 -7.15 18.51 -33.25
C ASP B 339 -7.83 18.65 -31.88
N LYS B 340 -7.06 18.79 -30.81
CA LYS B 340 -7.61 18.93 -29.47
C LYS B 340 -7.28 20.30 -28.90
N VAL B 341 -8.07 20.71 -27.92
CA VAL B 341 -7.83 21.90 -27.13
C VAL B 341 -8.08 21.57 -25.68
N THR B 342 -7.50 22.37 -24.79
CA THR B 342 -7.67 22.23 -23.36
C THR B 342 -8.50 23.39 -22.83
N LEU B 343 -9.61 23.08 -22.19
CA LEU B 343 -10.43 24.06 -21.50
C LEU B 343 -10.16 23.93 -20.00
N ARG B 344 -9.67 25.01 -19.40
CA ARG B 344 -9.34 25.03 -17.97
C ARG B 344 -10.30 25.98 -17.27
N CYS B 345 -11.02 25.47 -16.28
CA CYS B 345 -11.97 26.26 -15.50
C CYS B 345 -11.30 26.71 -14.21
N TRP B 346 -11.21 28.01 -14.02
CA TRP B 346 -10.52 28.61 -12.87
C TRP B 346 -11.52 29.04 -11.82
N ALA B 347 -11.14 28.87 -10.54
CA ALA B 347 -11.86 29.41 -9.41
C ALA B 347 -10.88 30.17 -8.53
N LEU B 348 -11.10 31.46 -8.36
CA LEU B 348 -10.15 32.32 -7.68
C LEU B 348 -10.82 33.13 -6.58
N GLY B 349 -10.03 33.46 -5.57
CA GLY B 349 -10.47 34.38 -4.54
C GLY B 349 -11.57 33.88 -3.63
N PHE B 350 -11.66 32.58 -3.41
CA PHE B 350 -12.71 32.03 -2.56
C PHE B 350 -12.16 31.63 -1.19
N TYR B 351 -13.04 31.68 -0.19
CA TYR B 351 -12.78 31.24 1.18
C TYR B 351 -14.10 30.74 1.73
N PRO B 352 -14.10 29.58 2.42
CA PRO B 352 -12.94 28.74 2.73
C PRO B 352 -12.50 27.86 1.56
N ALA B 353 -11.65 26.88 1.84
CA ALA B 353 -10.97 26.13 0.80
C ALA B 353 -11.88 25.12 0.10
N ASP B 354 -12.93 24.66 0.77
CA ASP B 354 -13.81 23.64 0.19
C ASP B 354 -14.47 24.16 -1.08
N ILE B 355 -14.29 23.44 -2.18
CA ILE B 355 -14.85 23.83 -3.46
C ILE B 355 -14.91 22.60 -4.35
N THR B 356 -15.83 22.62 -5.31
CA THR B 356 -15.98 21.54 -6.28
C THR B 356 -16.05 22.14 -7.68
N LEU B 357 -15.26 21.60 -8.59
CA LEU B 357 -15.29 21.98 -10.00
C LEU B 357 -15.61 20.75 -10.82
N THR B 358 -16.61 20.87 -11.71
CA THR B 358 -16.98 19.80 -12.61
C THR B 358 -17.11 20.34 -14.03
N TRP B 359 -16.74 19.51 -15.00
CA TRP B 359 -17.01 19.76 -16.40
C TRP B 359 -18.13 18.82 -16.87
N GLN B 360 -19.05 19.36 -17.67
CA GLN B 360 -20.17 18.59 -18.17
C GLN B 360 -20.19 18.60 -19.69
N LEU B 361 -20.43 17.43 -20.28
CA LEU B 361 -20.67 17.30 -21.71
C LEU B 361 -22.16 17.01 -21.88
N ASN B 362 -22.94 18.07 -22.11
CA ASN B 362 -24.37 17.96 -22.40
C ASN B 362 -25.10 17.17 -21.30
N GLY B 363 -24.93 17.62 -20.06
CA GLY B 363 -25.72 17.14 -18.94
C GLY B 363 -25.06 16.13 -18.03
N GLU B 364 -23.93 15.55 -18.43
CA GLU B 364 -23.25 14.54 -17.63
C GLU B 364 -21.85 15.00 -17.27
N GLU B 365 -21.45 14.74 -16.03
CA GLU B 365 -20.13 15.12 -15.57
C GLU B 365 -19.06 14.22 -16.19
N LEU B 366 -17.89 14.80 -16.44
CA LEU B 366 -16.80 14.10 -17.11
C LEU B 366 -15.79 13.57 -16.11
N ILE B 367 -15.26 12.38 -16.39
CA ILE B 367 -14.32 11.71 -15.52
C ILE B 367 -13.07 11.34 -16.32
N GLN B 368 -13.25 11.02 -17.60
CA GLN B 368 -12.20 10.38 -18.39
C GLN B 368 -11.04 11.34 -18.68
N ASP B 369 -11.35 12.60 -18.99
CA ASP B 369 -10.39 13.52 -19.59
C ASP B 369 -10.02 14.67 -18.67
N MET B 370 -10.32 14.59 -17.38
CA MET B 370 -10.33 15.74 -16.50
C MET B 370 -9.10 15.74 -15.58
N GLU B 371 -8.30 16.80 -15.68
CA GLU B 371 -7.23 17.08 -14.74
C GLU B 371 -7.66 18.19 -13.78
N LEU B 372 -7.09 18.15 -12.57
CA LEU B 372 -7.28 19.24 -11.62
C LEU B 372 -6.05 19.34 -10.74
N VAL B 373 -5.92 20.50 -10.10
CA VAL B 373 -4.89 20.71 -9.09
C VAL B 373 -5.54 20.70 -7.73
N GLU B 374 -4.73 20.41 -6.71
CA GLU B 374 -5.19 20.54 -5.34
C GLU B 374 -5.39 22.02 -5.01
N THR B 375 -6.38 22.28 -4.16
CA THR B 375 -6.65 23.66 -3.74
C THR B 375 -5.41 24.25 -3.08
N ARG B 376 -5.07 25.48 -3.46
CA ARG B 376 -3.85 26.11 -3.02
C ARG B 376 -4.12 27.52 -2.53
N PRO B 377 -3.39 27.98 -1.51
CA PRO B 377 -3.59 29.35 -1.04
C PRO B 377 -3.00 30.37 -2.01
N ALA B 378 -3.70 31.48 -2.19
CA ALA B 378 -3.19 32.56 -3.00
C ALA B 378 -2.16 33.40 -2.26
N GLY B 379 -2.10 33.29 -0.94
CA GLY B 379 -1.21 34.08 -0.12
C GLY B 379 -1.88 35.25 0.59
N ASP B 380 -3.10 35.58 0.22
CA ASP B 380 -3.83 36.72 0.79
C ASP B 380 -5.03 36.29 1.62
N GLY B 381 -5.16 35.00 1.95
CA GLY B 381 -6.27 34.47 2.69
C GLY B 381 -7.25 33.66 1.87
N THR B 382 -7.36 33.96 0.58
CA THR B 382 -8.25 33.22 -0.31
C THR B 382 -7.51 32.05 -0.96
N PHE B 383 -8.24 31.29 -1.77
CA PHE B 383 -7.69 30.07 -2.36
C PHE B 383 -7.96 30.05 -3.85
N GLN B 384 -7.25 29.15 -4.53
CA GLN B 384 -7.42 28.93 -5.96
C GLN B 384 -7.52 27.44 -6.24
N LYS B 385 -8.17 27.11 -7.35
CA LYS B 385 -8.25 25.75 -7.87
C LYS B 385 -8.65 25.85 -9.33
N TRP B 386 -8.26 24.86 -10.12
CA TRP B 386 -8.74 24.77 -11.49
C TRP B 386 -8.93 23.32 -11.89
N ALA B 387 -9.83 23.11 -12.84
CA ALA B 387 -10.10 21.81 -13.44
C ALA B 387 -10.08 21.96 -14.95
N SER B 388 -9.45 21.03 -15.63
CA SER B 388 -9.28 21.09 -17.08
C SER B 388 -9.85 19.84 -17.74
N VAL B 389 -10.26 19.99 -19.00
CA VAL B 389 -10.67 18.88 -19.84
C VAL B 389 -10.11 19.09 -21.23
N VAL B 390 -9.82 17.98 -21.91
CA VAL B 390 -9.33 18.00 -23.28
C VAL B 390 -10.52 17.69 -24.19
N VAL B 391 -10.94 18.66 -24.98
CA VAL B 391 -12.12 18.54 -25.82
C VAL B 391 -11.67 18.69 -27.26
N PRO B 392 -12.45 18.19 -28.23
CA PRO B 392 -12.08 18.34 -29.64
C PRO B 392 -12.14 19.80 -30.07
N LEU B 393 -11.28 20.14 -31.03
CA LEU B 393 -11.27 21.48 -31.60
C LEU B 393 -12.58 21.75 -32.33
N GLY B 394 -13.26 22.83 -31.94
CA GLY B 394 -14.53 23.19 -32.51
C GLY B 394 -15.74 22.73 -31.71
N LYS B 395 -15.54 21.94 -30.66
CA LYS B 395 -16.62 21.48 -29.80
C LYS B 395 -16.60 22.14 -28.43
N GLU B 396 -15.92 23.28 -28.31
CA GLU B 396 -15.75 23.92 -27.00
C GLU B 396 -17.08 24.36 -26.40
N GLN B 397 -18.05 24.72 -27.24
CA GLN B 397 -19.35 25.15 -26.76
C GLN B 397 -20.22 23.99 -26.29
N TYR B 398 -19.76 22.75 -26.43
CA TYR B 398 -20.49 21.58 -25.94
C TYR B 398 -20.17 21.26 -24.50
N TYR B 399 -19.31 22.04 -23.85
CA TYR B 399 -18.82 21.74 -22.51
C TYR B 399 -19.12 22.90 -21.58
N THR B 400 -19.49 22.57 -20.34
CA THR B 400 -19.85 23.55 -19.33
C THR B 400 -19.09 23.24 -18.04
N CYS B 401 -18.54 24.28 -17.42
CA CYS B 401 -17.92 24.14 -16.11
C CYS B 401 -18.91 24.53 -15.03
N HIS B 402 -18.82 23.85 -13.89
CA HIS B 402 -19.72 24.09 -12.77
C HIS B 402 -18.90 24.27 -11.50
N VAL B 403 -19.18 25.33 -10.75
CA VAL B 403 -18.42 25.70 -9.56
C VAL B 403 -19.38 25.70 -8.37
N TYR B 404 -19.10 24.86 -7.39
CA TYR B 404 -19.92 24.72 -6.19
C TYR B 404 -19.12 25.21 -4.98
N HIS B 405 -19.67 26.17 -4.25
CA HIS B 405 -18.99 26.74 -3.09
C HIS B 405 -20.04 27.28 -2.13
N GLN B 406 -19.76 27.16 -0.82
CA GLN B 406 -20.74 27.54 0.19
C GLN B 406 -21.06 29.03 0.18
N GLY B 407 -20.17 29.87 -0.35
CA GLY B 407 -20.43 31.29 -0.39
C GLY B 407 -21.35 31.73 -1.52
N LEU B 408 -21.50 30.90 -2.55
CA LEU B 408 -22.29 31.29 -3.70
C LEU B 408 -23.78 31.21 -3.38
N PRO B 409 -24.58 32.18 -3.82
CA PRO B 409 -26.04 32.02 -3.71
C PRO B 409 -26.55 30.83 -4.50
N GLU B 410 -25.86 30.47 -5.58
CA GLU B 410 -26.24 29.36 -6.43
C GLU B 410 -25.00 28.98 -7.25
N PRO B 411 -24.83 27.69 -7.58
CA PRO B 411 -23.62 27.27 -8.28
C PRO B 411 -23.40 28.03 -9.59
N LEU B 412 -22.12 28.24 -9.91
CA LEU B 412 -21.77 28.92 -11.15
C LEU B 412 -21.72 27.92 -12.31
N THR B 413 -22.27 28.33 -13.44
CA THR B 413 -22.13 27.61 -14.70
C THR B 413 -21.55 28.57 -15.74
N LEU B 414 -20.56 28.10 -16.48
CA LEU B 414 -19.87 28.98 -17.43
C LEU B 414 -19.25 28.13 -18.54
N ARG B 415 -18.97 28.80 -19.64
CA ARG B 415 -18.39 28.18 -20.82
C ARG B 415 -17.18 28.97 -21.27
N TRP B 416 -16.43 28.41 -22.21
CA TRP B 416 -15.38 29.17 -22.89
C TRP B 416 -16.03 30.24 -23.75
N GLU B 417 -15.57 31.48 -23.59
CA GLU B 417 -16.09 32.61 -24.36
C GLU B 417 -14.97 33.17 -25.23
N PRO B 418 -14.97 32.93 -26.54
CA PRO B 418 -13.91 33.35 -27.47
C PRO B 418 -13.73 34.86 -27.50
#